data_9G37
#
_entry.id   9G37
#
_cell.length_a   1.00
_cell.length_b   1.00
_cell.length_c   1.00
_cell.angle_alpha   90.00
_cell.angle_beta   90.00
_cell.angle_gamma   90.00
#
_symmetry.space_group_name_H-M   'P 1'
#
loop_
_entity.id
_entity.type
_entity.pdbx_description
1 polymer 'Mycobactin import ATP-binding/permease protein IrtA'
2 polymer 'Mycobactin import ATP-binding/permease protein IrtB'
3 non-polymer "ADENOSINE-5'-TRIPHOSPHATE"
4 non-polymer 'MAGNESIUM ION'
#
loop_
_entity_poly.entity_id
_entity_poly.type
_entity_poly.pdbx_seq_one_letter_code
_entity_poly.pdbx_strand_id
1 'polypeptide(L)'
;SRAEAGSRLLAPLKKPLIVSGVLQALITLIELAPFVLLVELARLLLGGAEAERLWTLGLTAVSLIGLGAVLAAAMTLWLA
RVDARFAHELRGRLLTKLSRLPLGWFTRRGSASTKQLVQDDTLALAYLITAAIPDAVAAVVAPVAVLVYLFVADWRVALV
LFIPVLVYLVLMSVMTIQSGSKIAQAPRWAERMGGEAGAFLEGQPVIRIFGGAAASRFRRRLDDYIDFLVSWQRPFVGKK
TLMDLVTRPATFLWIILVAGVPLVVTGRMDPVNLLPFLLLGTTFGARLLGIGYGLSGIQTGMLAARRIQTVLDEPELVVR
DRTGQAGTDHASGDQARPGTVELDRVSFEYRPGVPVIRDVTLTLRPGTVTALVGPSGSGKSTLAALVARFHDVTQGAIRV
DGRDIRTLTADELYRRVGFVLQDAQLVHGSVAENIALAEPDAGLERIRTAARDAQIHDRITRMPDGYDSVLGAGSALSGG
ERQRVTIARAILADTPVLVLDEATAFADPESEYLVQQAINRLTRDRTVLVIAHRLHTITHADQIVVLDDGRIVEVGTHDE
LLAAGGRYRGLWDSGRYSSPDAGRPVSADAVEVGR
;
A
2 'polypeptide(L)'
;MIRTLLRLVPAEKRGAVAGYAVLTLLSVLLRAVGAVLLIPLLAALFSDTPSDAWLWLGWLTAVTLAGWVTDTNTARLGFD
LGFAVLSRTQHDMADRLPNVAMSWFTPDNTATARQAIAATGPELAGLVVNLLTPLIGAALLPAAIGVALLFVSVPLGLAA
LAGVAVLFGALALSGRLSRAADKVAGETNSAFTERIIEFARTQQALRAARRVEPARSQVGSALAAQHGAGLRLLTMQIPG
QVLFSLAGQVALIGFAGMAVWLTVRGQLGVPEAIALIVVLVRYLEPFAAIADLAPALETTRATLNRIQAVLDAPTLPAGR
RRLDRTGAAPSIEFDDVRFSYGDEVVLDGVSFTLRPGNTTAIVGPSGSGKTTILSLIAGLQQPASGRVLLDGVDVTTLDP
EARRAAVSVVFQHPYLFDGTLRDNVLVGDPEADPDDVTAAMRLARVDELLDRLPDGDATVVGEGGTALSGGERQRVSIAR
ALLKPAPVLLVDEATSALDNANEAAVVDALTADPRPRTRVIVAHRLASIRHADRVLFVEAGRVVEDGAIDELLAAGGRFA
QFWAQQQAASEWAIGSTARALEVLFQ
;
B
#
loop_
_chem_comp.id
_chem_comp.type
_chem_comp.name
_chem_comp.formula
ATP non-polymer ADENOSINE-5'-TRIPHOSPHATE 'C10 H16 N5 O13 P3'
MG non-polymer 'MAGNESIUM ION' 'Mg 2'
#
# COMPACT_ATOMS: atom_id res chain seq x y z
N ALA A 3 0.57 -26.20 -10.13
CA ALA A 3 0.75 -25.04 -11.05
C ALA A 3 2.19 -24.98 -11.54
N GLU A 4 2.38 -25.03 -12.86
CA GLU A 4 3.72 -24.94 -13.42
C GLU A 4 4.35 -23.58 -13.12
N ALA A 5 3.57 -22.50 -13.20
CA ALA A 5 4.09 -21.17 -12.89
C ALA A 5 4.46 -21.03 -11.42
N GLY A 6 3.88 -21.84 -10.55
CA GLY A 6 4.23 -21.83 -9.13
C GLY A 6 5.31 -22.84 -8.79
N SER A 7 5.21 -24.04 -9.37
CA SER A 7 6.22 -25.06 -9.13
C SER A 7 7.58 -24.64 -9.68
N ARG A 8 7.58 -23.90 -10.77
CA ARG A 8 8.84 -23.41 -11.34
C ARG A 8 9.47 -22.38 -10.41
N LEU A 9 8.64 -21.59 -9.72
CA LEU A 9 9.17 -20.60 -8.79
C LEU A 9 9.66 -21.25 -7.50
N LEU A 10 8.91 -22.21 -6.96
CA LEU A 10 9.28 -22.92 -5.74
C LEU A 10 10.14 -24.15 -6.02
N ALA A 11 10.87 -24.16 -7.14
CA ALA A 11 11.92 -25.16 -7.33
C ALA A 11 13.06 -25.05 -6.34
N PRO A 12 13.60 -23.86 -5.99
CA PRO A 12 14.76 -23.83 -5.09
C PRO A 12 14.50 -24.45 -3.74
N LEU A 13 13.27 -24.38 -3.24
CA LEU A 13 12.90 -24.92 -1.94
C LEU A 13 12.33 -26.33 -2.05
N LYS A 14 12.82 -27.15 -2.99
CA LYS A 14 12.36 -28.53 -3.05
C LYS A 14 12.71 -29.27 -1.76
N LYS A 15 13.97 -29.17 -1.33
CA LYS A 15 14.46 -29.96 -0.20
C LYS A 15 14.12 -29.38 1.16
N PRO A 16 14.12 -28.05 1.35
CA PRO A 16 13.54 -27.52 2.60
C PRO A 16 12.09 -27.91 2.80
N LEU A 17 11.31 -28.01 1.73
CA LEU A 17 9.91 -28.38 1.86
C LEU A 17 9.75 -29.87 2.13
N ILE A 18 10.52 -30.72 1.46
CA ILE A 18 10.43 -32.15 1.71
C ILE A 18 10.86 -32.47 3.14
N VAL A 19 11.89 -31.77 3.64
CA VAL A 19 12.34 -31.97 5.01
C VAL A 19 11.25 -31.54 6.00
N SER A 20 10.63 -30.38 5.75
CA SER A 20 9.58 -29.91 6.65
C SER A 20 8.40 -30.88 6.67
N GLY A 21 8.10 -31.49 5.54
CA GLY A 21 7.08 -32.52 5.53
C GLY A 21 7.42 -33.70 6.42
N VAL A 22 8.67 -34.18 6.33
CA VAL A 22 9.07 -35.33 7.15
C VAL A 22 9.18 -34.93 8.61
N LEU A 23 9.74 -33.75 8.90
CA LEU A 23 9.93 -33.34 10.27
C LEU A 23 8.59 -33.18 10.99
N GLN A 24 7.57 -32.68 10.29
CA GLN A 24 6.26 -32.58 10.91
C GLN A 24 5.62 -33.94 11.11
N ALA A 25 5.95 -34.92 10.26
CA ALA A 25 5.45 -36.27 10.49
C ALA A 25 5.98 -36.82 11.81
N LEU A 26 7.26 -36.59 12.09
CA LEU A 26 7.84 -37.06 13.34
C LEU A 26 7.37 -36.22 14.52
N ILE A 27 7.20 -34.90 14.32
CA ILE A 27 6.85 -34.02 15.42
C ILE A 27 5.45 -34.31 15.93
N THR A 28 4.48 -34.49 15.02
CA THR A 28 3.13 -34.80 15.47
C THR A 28 3.09 -36.15 16.18
N LEU A 29 3.85 -37.13 15.68
CA LEU A 29 3.94 -38.41 16.39
C LEU A 29 4.55 -38.21 17.76
N ILE A 30 5.55 -37.33 17.87
CA ILE A 30 6.12 -37.01 19.18
C ILE A 30 5.10 -36.29 20.05
N GLU A 31 4.26 -35.44 19.47
CA GLU A 31 3.27 -34.71 20.25
C GLU A 31 2.10 -35.61 20.67
N LEU A 32 1.80 -36.66 19.90
CA LEU A 32 0.80 -37.64 20.29
C LEU A 32 1.34 -38.69 21.25
N ALA A 33 2.66 -38.83 21.36
CA ALA A 33 3.24 -39.83 22.25
C ALA A 33 2.92 -39.61 23.72
N PRO A 34 2.96 -38.39 24.27
CA PRO A 34 2.60 -38.22 25.68
C PRO A 34 1.21 -38.73 26.03
N PHE A 35 0.24 -38.53 25.15
CA PHE A 35 -1.12 -38.94 25.49
C PHE A 35 -1.26 -40.45 25.44
N VAL A 36 -0.42 -41.14 24.67
CA VAL A 36 -0.39 -42.60 24.74
C VAL A 36 0.18 -43.06 26.09
N LEU A 37 1.19 -42.34 26.58
CA LEU A 37 1.71 -42.63 27.91
C LEU A 37 0.72 -42.27 29.00
N LEU A 38 0.09 -41.09 28.90
CA LEU A 38 -0.88 -40.68 29.90
C LEU A 38 -2.08 -41.62 29.93
N VAL A 39 -2.43 -42.22 28.80
CA VAL A 39 -3.42 -43.28 28.80
C VAL A 39 -2.93 -44.46 29.63
N GLU A 40 -1.66 -44.86 29.42
CA GLU A 40 -1.09 -45.96 30.19
C GLU A 40 -0.98 -45.63 31.67
N LEU A 41 -0.66 -44.37 31.99
CA LEU A 41 -0.70 -43.94 33.38
C LEU A 41 -2.09 -44.08 33.95
N ALA A 42 -3.10 -43.75 33.16
CA ALA A 42 -4.49 -43.84 33.63
C ALA A 42 -4.91 -45.28 33.87
N ARG A 43 -4.54 -46.20 32.98
CA ARG A 43 -4.97 -47.59 33.14
C ARG A 43 -4.41 -48.18 34.43
N LEU A 44 -3.17 -47.87 34.75
CA LEU A 44 -2.55 -48.46 35.93
C LEU A 44 -3.09 -47.84 37.22
N LEU A 45 -3.52 -46.59 37.18
CA LEU A 45 -4.15 -45.98 38.36
C LEU A 45 -5.39 -46.73 38.75
N LEU A 46 -6.23 -47.10 37.77
CA LEU A 46 -7.36 -47.98 38.08
C LEU A 46 -6.86 -49.34 38.56
N GLY A 47 -5.78 -49.84 37.96
CA GLY A 47 -5.22 -51.11 38.38
C GLY A 47 -4.39 -51.07 39.65
N GLY A 48 -4.07 -49.87 40.14
CA GLY A 48 -3.31 -49.74 41.37
C GLY A 48 -1.92 -50.34 41.30
N ALA A 49 -1.20 -50.07 40.21
CA ALA A 49 0.13 -50.62 40.04
C ALA A 49 1.13 -49.90 40.94
N GLU A 50 2.37 -50.38 40.93
CA GLU A 50 3.40 -49.85 41.80
C GLU A 50 3.71 -48.40 41.43
N ALA A 51 4.10 -47.62 42.45
CA ALA A 51 4.25 -46.18 42.27
C ALA A 51 5.35 -45.84 41.28
N GLU A 52 6.48 -46.55 41.34
CA GLU A 52 7.60 -46.20 40.47
C GLU A 52 7.26 -46.38 39.00
N ARG A 53 6.41 -47.36 38.67
CA ARG A 53 5.96 -47.50 37.29
C ARG A 53 5.16 -46.27 36.86
N LEU A 54 4.25 -45.81 37.72
CA LEU A 54 3.46 -44.62 37.42
C LEU A 54 4.35 -43.39 37.28
N TRP A 55 5.36 -43.29 38.13
CA TRP A 55 6.28 -42.16 38.04
C TRP A 55 7.00 -42.15 36.70
N THR A 56 7.44 -43.32 36.24
CA THR A 56 8.16 -43.41 34.96
C THR A 56 7.28 -42.96 33.80
N LEU A 57 6.03 -43.41 33.77
CA LEU A 57 5.11 -42.97 32.72
C LEU A 57 4.80 -41.49 32.85
N GLY A 58 4.65 -41.01 34.09
CA GLY A 58 4.36 -39.60 34.29
C GLY A 58 5.49 -38.70 33.82
N LEU A 59 6.73 -39.02 34.21
CA LEU A 59 7.84 -38.14 33.89
C LEU A 59 8.20 -38.22 32.41
N THR A 60 8.12 -39.41 31.80
CA THR A 60 8.38 -39.51 30.37
C THR A 60 7.34 -38.73 29.57
N ALA A 61 6.07 -38.82 29.97
CA ALA A 61 5.03 -38.10 29.25
C ALA A 61 5.20 -36.59 29.36
N VAL A 62 5.52 -36.09 30.56
CA VAL A 62 5.72 -34.65 30.73
C VAL A 62 6.93 -34.18 29.94
N SER A 63 8.01 -34.97 29.92
CA SER A 63 9.18 -34.59 29.14
C SER A 63 8.90 -34.61 27.65
N LEU A 64 8.21 -35.63 27.15
CA LEU A 64 7.90 -35.70 25.73
C LEU A 64 7.02 -34.54 25.29
N ILE A 65 6.20 -34.02 26.20
CA ILE A 65 5.49 -32.76 25.93
C ILE A 65 6.49 -31.63 25.76
N GLY A 66 7.48 -31.57 26.64
CA GLY A 66 8.52 -30.57 26.51
C GLY A 66 9.33 -30.74 25.24
N LEU A 67 9.67 -31.99 24.92
CA LEU A 67 10.41 -32.26 23.68
C LEU A 67 9.60 -31.85 22.46
N GLY A 68 8.33 -32.26 22.40
CA GLY A 68 7.51 -31.94 21.24
C GLY A 68 7.32 -30.44 21.07
N ALA A 69 7.13 -29.72 22.16
CA ALA A 69 7.02 -28.27 22.08
C ALA A 69 8.33 -27.63 21.64
N VAL A 70 9.46 -28.19 22.08
CA VAL A 70 10.76 -27.65 21.66
C VAL A 70 11.02 -27.94 20.20
N LEU A 71 10.76 -29.17 19.76
CA LEU A 71 10.97 -29.52 18.35
C LEU A 71 10.02 -28.75 17.45
N ALA A 72 8.73 -28.69 17.82
CA ALA A 72 7.78 -27.95 17.01
C ALA A 72 8.10 -26.46 17.00
N ALA A 73 8.52 -25.93 18.14
CA ALA A 73 8.94 -24.53 18.19
C ALA A 73 10.19 -24.31 17.35
N ALA A 74 11.19 -25.19 17.50
CA ALA A 74 12.45 -25.01 16.79
C ALA A 74 12.25 -25.11 15.28
N MET A 75 11.40 -26.05 14.84
CA MET A 75 11.15 -26.20 13.42
C MET A 75 10.46 -24.96 12.84
N THR A 76 9.61 -24.31 13.64
CA THR A 76 8.96 -23.10 13.16
C THR A 76 9.91 -21.92 13.14
N LEU A 77 10.97 -21.94 13.95
CA LEU A 77 12.02 -20.93 13.84
C LEU A 77 12.81 -21.10 12.56
N TRP A 78 13.28 -22.33 12.29
CA TRP A 78 14.01 -22.59 11.06
C TRP A 78 13.15 -22.32 9.84
N LEU A 79 11.94 -22.87 9.83
CA LEU A 79 11.12 -22.82 8.64
C LEU A 79 10.66 -21.39 8.33
N ALA A 80 10.47 -20.59 9.37
CA ALA A 80 10.21 -19.17 9.16
C ALA A 80 11.45 -18.47 8.60
N ARG A 81 12.63 -18.86 9.05
CA ARG A 81 13.86 -18.23 8.54
C ARG A 81 14.11 -18.62 7.08
N VAL A 82 13.79 -19.86 6.71
CA VAL A 82 13.93 -20.27 5.32
C VAL A 82 13.04 -19.42 4.42
N ASP A 83 11.80 -19.17 4.86
CA ASP A 83 10.90 -18.34 4.09
C ASP A 83 11.42 -16.91 3.96
N ALA A 84 11.94 -16.36 5.05
CA ALA A 84 12.46 -14.99 5.01
C ALA A 84 13.64 -14.87 4.06
N ARG A 85 14.41 -15.94 3.92
CA ARG A 85 15.52 -15.94 2.97
C ARG A 85 15.03 -16.08 1.53
N PHE A 86 13.99 -16.88 1.30
CA PHE A 86 13.45 -16.99 -0.05
C PHE A 86 12.71 -15.72 -0.47
N ALA A 87 12.02 -15.08 0.47
CA ALA A 87 11.37 -13.81 0.15
C ALA A 87 12.39 -12.74 -0.17
N HIS A 88 13.51 -12.71 0.57
CA HIS A 88 14.55 -11.74 0.29
C HIS A 88 15.19 -11.99 -1.08
N GLU A 89 15.46 -13.26 -1.40
CA GLU A 89 16.00 -13.56 -2.72
C GLU A 89 14.98 -13.25 -3.81
N LEU A 90 13.73 -13.66 -3.62
CA LEU A 90 12.72 -13.48 -4.65
C LEU A 90 12.40 -12.01 -4.87
N ARG A 91 12.40 -11.21 -3.82
CA ARG A 91 12.29 -9.77 -3.97
C ARG A 91 13.51 -9.22 -4.72
N GLY A 92 14.67 -9.85 -4.54
CA GLY A 92 15.83 -9.48 -5.34
C GLY A 92 15.66 -9.80 -6.80
N ARG A 93 15.15 -10.98 -7.11
CA ARG A 93 14.93 -11.36 -8.51
C ARG A 93 13.92 -10.44 -9.18
N LEU A 94 12.84 -10.11 -8.47
CA LEU A 94 11.84 -9.22 -9.04
C LEU A 94 12.41 -7.85 -9.34
N LEU A 95 13.10 -7.25 -8.38
CA LEU A 95 13.66 -5.92 -8.59
C LEU A 95 14.71 -5.92 -9.69
N THR A 96 15.39 -7.06 -9.91
CA THR A 96 16.30 -7.17 -11.04
C THR A 96 15.56 -7.32 -12.34
N LYS A 97 14.47 -8.10 -12.36
CA LYS A 97 13.68 -8.24 -13.58
C LYS A 97 13.07 -6.91 -14.01
N LEU A 98 12.38 -6.25 -13.09
CA LEU A 98 11.73 -4.98 -13.41
C LEU A 98 12.73 -3.91 -13.82
N SER A 99 14.00 -4.07 -13.44
CA SER A 99 15.04 -3.16 -13.91
C SER A 99 15.29 -3.30 -15.41
N ARG A 100 14.87 -4.41 -16.03
CA ARG A 100 15.14 -4.69 -17.43
C ARG A 100 13.93 -4.60 -18.35
N LEU A 101 12.71 -4.64 -17.81
CA LEU A 101 11.53 -4.65 -18.66
C LEU A 101 11.38 -3.31 -19.39
N PRO A 102 10.71 -3.29 -20.54
CA PRO A 102 10.40 -2.01 -21.17
C PRO A 102 9.46 -1.21 -20.28
N LEU A 103 9.50 0.12 -20.43
CA LEU A 103 8.66 0.95 -19.59
C LEU A 103 7.18 0.89 -19.95
N GLY A 104 6.82 0.24 -21.05
CA GLY A 104 5.43 -0.03 -21.29
C GLY A 104 4.81 -0.90 -20.20
N TRP A 105 5.62 -1.77 -19.59
CA TRP A 105 5.13 -2.61 -18.51
C TRP A 105 4.69 -1.75 -17.33
N PHE A 106 5.46 -0.71 -17.00
CA PHE A 106 5.17 0.09 -15.81
C PHE A 106 3.97 1.00 -16.02
N THR A 107 3.90 1.66 -17.19
CA THR A 107 2.85 2.66 -17.41
C THR A 107 1.47 2.00 -17.47
N ARG A 108 1.35 0.88 -18.17
CA ARG A 108 0.05 0.23 -18.29
C ARG A 108 -0.37 -0.48 -17.01
N ARG A 109 0.51 -0.57 -16.01
CA ARG A 109 0.29 -1.35 -14.81
C ARG A 109 0.07 -0.49 -13.58
N GLY A 110 0.92 0.52 -13.38
CA GLY A 110 0.80 1.42 -12.25
C GLY A 110 1.70 1.01 -11.10
N SER A 111 1.99 1.98 -10.23
CA SER A 111 2.87 1.73 -9.09
C SER A 111 2.19 0.88 -8.02
N ALA A 112 0.86 0.93 -7.94
CA ALA A 112 0.14 0.12 -6.96
C ALA A 112 0.29 -1.36 -7.26
N SER A 113 0.25 -1.73 -8.55
CA SER A 113 0.36 -3.13 -8.93
C SER A 113 1.78 -3.66 -8.74
N THR A 114 2.79 -2.82 -8.94
CA THR A 114 4.17 -3.25 -8.70
C THR A 114 4.42 -3.48 -7.21
N LYS A 115 3.92 -2.59 -6.36
CA LYS A 115 4.11 -2.76 -4.92
C LYS A 115 3.41 -4.01 -4.44
N GLN A 116 2.23 -4.31 -4.99
CA GLN A 116 1.59 -5.58 -4.70
C GLN A 116 2.48 -6.74 -5.13
N LEU A 117 3.09 -6.63 -6.31
CA LEU A 117 3.94 -7.68 -6.83
C LEU A 117 5.16 -7.90 -5.94
N VAL A 118 5.91 -6.83 -5.67
CA VAL A 118 7.19 -6.99 -4.98
C VAL A 118 6.96 -7.40 -3.54
N GLN A 119 5.98 -6.79 -2.87
CA GLN A 119 5.79 -6.97 -1.44
C GLN A 119 4.64 -7.93 -1.11
N ASP A 120 3.42 -7.59 -1.53
CA ASP A 120 2.25 -8.34 -1.05
C ASP A 120 2.16 -9.72 -1.69
N ASP A 121 2.56 -9.86 -2.94
CA ASP A 121 2.55 -11.18 -3.56
C ASP A 121 3.64 -12.09 -2.97
N THR A 122 4.83 -11.54 -2.71
CA THR A 122 5.86 -12.35 -2.07
C THR A 122 5.48 -12.67 -0.63
N LEU A 123 4.87 -11.72 0.08
CA LEU A 123 4.41 -11.98 1.43
C LEU A 123 3.27 -13.00 1.44
N ALA A 124 2.48 -13.04 0.37
CA ALA A 124 1.41 -14.03 0.27
C ALA A 124 1.93 -15.45 0.18
N LEU A 125 3.17 -15.63 -0.26
CA LEU A 125 3.80 -16.94 -0.31
C LEU A 125 4.22 -17.45 1.06
N ALA A 126 4.14 -16.62 2.10
CA ALA A 126 4.65 -17.01 3.41
C ALA A 126 3.96 -18.25 3.94
N TYR A 127 2.64 -18.34 3.81
CA TYR A 127 1.96 -19.55 4.25
C TYR A 127 2.30 -20.74 3.37
N LEU A 128 2.48 -20.52 2.08
CA LEU A 128 2.70 -21.64 1.17
C LEU A 128 4.03 -22.33 1.44
N ILE A 129 5.01 -21.59 1.93
CA ILE A 129 6.32 -22.15 2.24
C ILE A 129 6.42 -22.54 3.71
N THR A 130 6.00 -21.63 4.59
CA THR A 130 6.25 -21.76 6.01
C THR A 130 5.33 -22.74 6.70
N ALA A 131 4.09 -22.89 6.23
CA ALA A 131 3.08 -23.66 6.96
C ALA A 131 2.18 -24.55 6.11
N ALA A 132 2.24 -24.48 4.78
CA ALA A 132 1.29 -25.24 3.98
C ALA A 132 1.58 -26.74 4.05
N ILE A 133 2.83 -27.13 3.92
CA ILE A 133 3.22 -28.54 3.91
C ILE A 133 3.33 -29.08 5.33
N PRO A 134 3.82 -28.32 6.31
CA PRO A 134 3.66 -28.75 7.71
C PRO A 134 2.22 -29.07 8.07
N ASP A 135 1.30 -28.15 7.78
CA ASP A 135 -0.11 -28.35 8.12
C ASP A 135 -0.70 -29.52 7.34
N ALA A 136 -0.36 -29.65 6.07
CA ALA A 136 -0.93 -30.72 5.26
C ALA A 136 -0.51 -32.08 5.80
N VAL A 137 0.77 -32.22 6.17
CA VAL A 137 1.24 -33.48 6.74
C VAL A 137 0.68 -33.69 8.14
N ALA A 138 0.63 -32.62 8.94
CA ALA A 138 0.07 -32.74 10.29
C ALA A 138 -1.40 -33.13 10.24
N ALA A 139 -2.17 -32.50 9.36
CA ALA A 139 -3.58 -32.84 9.23
C ALA A 139 -3.80 -34.25 8.69
N VAL A 140 -2.79 -34.86 8.04
CA VAL A 140 -2.96 -36.19 7.49
C VAL A 140 -2.59 -37.26 8.52
N VAL A 141 -1.43 -37.11 9.16
CA VAL A 141 -0.89 -38.19 9.98
C VAL A 141 -1.49 -38.17 11.39
N ALA A 142 -1.66 -36.98 11.99
CA ALA A 142 -2.20 -36.94 13.35
C ALA A 142 -3.64 -37.41 13.42
N PRO A 143 -4.57 -36.94 12.58
CA PRO A 143 -5.88 -37.62 12.51
C PRO A 143 -5.79 -39.09 12.16
N VAL A 144 -4.97 -39.48 11.18
CA VAL A 144 -4.92 -40.89 10.79
C VAL A 144 -4.33 -41.73 11.91
N ALA A 145 -3.26 -41.25 12.53
CA ALA A 145 -2.69 -41.97 13.66
C ALA A 145 -3.68 -42.05 14.81
N VAL A 146 -4.29 -40.91 15.16
CA VAL A 146 -5.24 -40.89 16.27
C VAL A 146 -6.44 -41.78 15.96
N LEU A 147 -7.06 -41.59 14.79
CA LEU A 147 -8.29 -42.33 14.51
C LEU A 147 -8.04 -43.83 14.41
N VAL A 148 -6.93 -44.24 13.80
CA VAL A 148 -6.64 -45.67 13.70
C VAL A 148 -6.39 -46.26 15.08
N TYR A 149 -5.65 -45.56 15.94
CA TYR A 149 -5.47 -46.04 17.30
C TYR A 149 -6.79 -46.09 18.05
N LEU A 150 -7.61 -45.05 17.90
CA LEU A 150 -8.91 -45.04 18.53
C LEU A 150 -9.84 -46.08 17.92
N PHE A 151 -9.64 -46.41 16.65
CA PHE A 151 -10.44 -47.47 16.04
C PHE A 151 -10.17 -48.82 16.69
N VAL A 152 -8.91 -49.09 17.00
CA VAL A 152 -8.58 -50.35 17.67
C VAL A 152 -9.14 -50.36 19.09
N ALA A 153 -9.12 -49.20 19.76
CA ALA A 153 -9.62 -49.13 21.14
C ALA A 153 -11.10 -49.48 21.20
N ASP A 154 -11.91 -48.85 20.36
CA ASP A 154 -13.35 -49.13 20.30
C ASP A 154 -13.95 -48.54 19.03
N TRP A 155 -14.60 -49.37 18.22
CA TRP A 155 -15.16 -48.87 16.97
C TRP A 155 -16.41 -48.04 17.19
N ARG A 156 -17.16 -48.29 18.27
CA ARG A 156 -18.45 -47.63 18.46
C ARG A 156 -18.27 -46.13 18.63
N VAL A 157 -17.41 -45.72 19.57
CA VAL A 157 -17.16 -44.30 19.75
C VAL A 157 -16.33 -43.75 18.60
N ALA A 158 -15.62 -44.64 17.87
CA ALA A 158 -14.81 -44.18 16.74
C ALA A 158 -15.68 -43.73 15.57
N LEU A 159 -16.69 -44.52 15.20
CA LEU A 159 -17.53 -44.12 14.08
C LEU A 159 -18.32 -42.85 14.39
N VAL A 160 -18.57 -42.58 15.68
CA VAL A 160 -19.22 -41.34 16.05
C VAL A 160 -18.25 -40.16 15.93
N LEU A 161 -16.94 -40.42 15.98
CA LEU A 161 -15.97 -39.35 15.73
C LEU A 161 -15.92 -38.94 14.27
N PHE A 162 -16.39 -39.81 13.35
CA PHE A 162 -16.46 -39.41 11.94
C PHE A 162 -17.40 -38.24 11.73
N ILE A 163 -18.46 -38.12 12.55
CA ILE A 163 -19.50 -37.14 12.30
C ILE A 163 -18.95 -35.71 12.36
N PRO A 164 -18.21 -35.30 13.39
CA PRO A 164 -17.54 -33.99 13.31
C PRO A 164 -16.58 -33.89 12.14
N VAL A 165 -15.96 -35.01 11.74
CA VAL A 165 -14.96 -34.98 10.69
C VAL A 165 -15.62 -34.76 9.33
N LEU A 166 -16.65 -35.54 9.01
CA LEU A 166 -17.31 -35.40 7.72
C LEU A 166 -18.01 -34.05 7.59
N VAL A 167 -18.66 -33.60 8.66
CA VAL A 167 -19.28 -32.29 8.65
C VAL A 167 -18.23 -31.21 8.41
N TYR A 168 -17.05 -31.38 8.99
CA TYR A 168 -15.96 -30.44 8.74
C TYR A 168 -15.52 -30.48 7.28
N LEU A 169 -15.42 -31.69 6.70
CA LEU A 169 -14.99 -31.79 5.31
C LEU A 169 -15.98 -31.09 4.39
N VAL A 170 -17.28 -31.25 4.67
CA VAL A 170 -18.30 -30.59 3.85
C VAL A 170 -18.25 -29.07 4.06
N LEU A 171 -17.99 -28.63 5.28
CA LEU A 171 -17.90 -27.19 5.53
C LEU A 171 -16.71 -26.58 4.82
N MET A 172 -15.56 -27.29 4.78
CA MET A 172 -14.39 -26.72 4.11
C MET A 172 -14.50 -26.81 2.58
N SER A 173 -15.08 -27.90 2.06
CA SER A 173 -15.28 -27.97 0.63
C SER A 173 -16.24 -26.89 0.15
N VAL A 174 -17.37 -26.72 0.86
CA VAL A 174 -18.33 -25.70 0.47
C VAL A 174 -17.73 -24.31 0.66
N MET A 175 -16.94 -24.12 1.72
CA MET A 175 -16.28 -22.84 1.89
C MET A 175 -15.27 -22.58 0.79
N THR A 176 -14.56 -23.61 0.36
CA THR A 176 -13.50 -23.43 -0.63
C THR A 176 -14.07 -23.08 -2.00
N ILE A 177 -15.06 -23.85 -2.47
CA ILE A 177 -15.63 -23.59 -3.78
C ILE A 177 -16.35 -22.24 -3.80
N GLN A 178 -16.99 -21.88 -2.69
CA GLN A 178 -17.74 -20.64 -2.63
C GLN A 178 -16.82 -19.42 -2.67
N SER A 179 -15.77 -19.43 -1.86
CA SER A 179 -14.85 -18.30 -1.76
C SER A 179 -13.72 -18.38 -2.76
N GLY A 180 -13.66 -19.42 -3.59
CA GLY A 180 -12.59 -19.50 -4.57
C GLY A 180 -12.63 -18.37 -5.57
N SER A 181 -13.83 -18.05 -6.08
CA SER A 181 -13.96 -16.94 -7.02
C SER A 181 -13.56 -15.63 -6.38
N LYS A 182 -13.98 -15.41 -5.13
CA LYS A 182 -13.60 -14.19 -4.44
C LYS A 182 -12.10 -14.13 -4.19
N ILE A 183 -11.44 -15.29 -4.02
CA ILE A 183 -10.00 -15.30 -3.84
C ILE A 183 -9.30 -14.82 -5.10
N ALA A 184 -9.81 -15.21 -6.28
CA ALA A 184 -9.22 -14.75 -7.53
C ALA A 184 -9.43 -13.25 -7.71
N GLN A 185 -10.64 -12.76 -7.41
CA GLN A 185 -10.92 -11.33 -7.56
C GLN A 185 -10.25 -10.49 -6.49
N ALA A 186 -9.81 -11.10 -5.40
CA ALA A 186 -9.26 -10.33 -4.27
C ALA A 186 -8.02 -9.53 -4.62
N PRO A 187 -6.96 -10.10 -5.20
CA PRO A 187 -5.76 -9.28 -5.49
C PRO A 187 -6.01 -8.17 -6.48
N ARG A 188 -6.89 -8.38 -7.47
CA ARG A 188 -7.22 -7.29 -8.38
C ARG A 188 -7.91 -6.15 -7.65
N TRP A 189 -8.83 -6.48 -6.74
CA TRP A 189 -9.47 -5.44 -5.94
C TRP A 189 -8.47 -4.71 -5.07
N ALA A 190 -7.51 -5.44 -4.49
CA ALA A 190 -6.48 -4.80 -3.69
C ALA A 190 -5.61 -3.87 -4.52
N GLU A 191 -5.28 -4.27 -5.75
CA GLU A 191 -4.53 -3.38 -6.64
C GLU A 191 -5.34 -2.14 -7.00
N ARG A 192 -6.62 -2.33 -7.32
CA ARG A 192 -7.45 -1.19 -7.70
C ARG A 192 -7.58 -0.20 -6.55
N MET A 193 -7.84 -0.70 -5.34
CA MET A 193 -7.91 0.19 -4.19
C MET A 193 -6.53 0.70 -3.79
N GLY A 194 -5.50 -0.11 -4.01
CA GLY A 194 -4.14 0.41 -3.87
C GLY A 194 -3.88 1.55 -4.83
N GLY A 195 -4.38 1.44 -6.05
CA GLY A 195 -4.28 2.55 -6.99
C GLY A 195 -5.11 3.74 -6.57
N GLU A 196 -6.34 3.50 -6.12
CA GLU A 196 -7.22 4.61 -5.73
C GLU A 196 -6.72 5.30 -4.47
N ALA A 197 -6.21 4.53 -3.51
CA ALA A 197 -5.63 5.12 -2.32
C ALA A 197 -4.40 5.94 -2.67
N GLY A 198 -3.57 5.47 -3.59
CA GLY A 198 -2.40 6.23 -4.00
C GLY A 198 -2.76 7.52 -4.70
N ALA A 199 -3.70 7.48 -5.63
CA ALA A 199 -4.12 8.69 -6.32
C ALA A 199 -4.88 9.63 -5.42
N PHE A 200 -5.63 9.08 -4.45
CA PHE A 200 -6.33 9.91 -3.48
C PHE A 200 -5.35 10.75 -2.68
N LEU A 201 -4.23 10.16 -2.26
CA LEU A 201 -3.21 10.90 -1.53
C LEU A 201 -2.40 11.79 -2.45
N GLU A 202 -2.06 11.30 -3.64
CA GLU A 202 -1.23 12.07 -4.57
C GLU A 202 -2.02 13.16 -5.26
N GLY A 203 -3.26 12.89 -5.64
CA GLY A 203 -4.12 13.86 -6.28
C GLY A 203 -5.00 14.58 -5.29
N GLN A 204 -4.46 14.89 -4.13
CA GLN A 204 -5.22 15.61 -3.12
C GLN A 204 -5.62 17.01 -3.55
N PRO A 205 -4.74 17.83 -4.15
CA PRO A 205 -5.20 19.17 -4.58
C PRO A 205 -6.36 19.13 -5.55
N VAL A 206 -6.47 18.08 -6.36
CA VAL A 206 -7.60 17.97 -7.28
C VAL A 206 -8.88 17.64 -6.51
N ILE A 207 -8.83 16.65 -5.63
CA ILE A 207 -10.03 16.23 -4.90
C ILE A 207 -10.51 17.33 -3.97
N ARG A 208 -9.59 18.10 -3.40
CA ARG A 208 -9.98 19.17 -2.47
C ARG A 208 -10.82 20.25 -3.16
N ILE A 209 -10.75 20.36 -4.48
CA ILE A 209 -11.47 21.39 -5.22
C ILE A 209 -12.56 20.79 -6.11
N PHE A 210 -12.22 19.76 -6.89
CA PHE A 210 -13.16 19.14 -7.82
C PHE A 210 -13.76 17.91 -7.17
N GLY A 211 -14.85 18.11 -6.43
CA GLY A 211 -15.66 17.01 -5.93
C GLY A 211 -15.64 16.85 -4.42
N GLY A 212 -14.49 16.99 -3.80
CA GLY A 212 -14.40 16.84 -2.36
C GLY A 212 -14.44 15.40 -1.92
N ALA A 213 -14.75 15.21 -0.64
CA ALA A 213 -14.70 13.88 -0.05
C ALA A 213 -15.80 12.97 -0.59
N ALA A 214 -17.05 13.46 -0.60
CA ALA A 214 -18.18 12.60 -0.93
C ALA A 214 -18.17 12.19 -2.39
N ALA A 215 -17.96 13.14 -3.30
CA ALA A 215 -17.98 12.86 -4.72
C ALA A 215 -16.71 12.19 -5.21
N SER A 216 -15.70 12.01 -4.36
CA SER A 216 -14.44 11.42 -4.78
C SER A 216 -14.65 10.00 -5.29
N ARG A 217 -13.94 9.69 -6.38
CA ARG A 217 -13.98 8.32 -6.92
C ARG A 217 -13.25 7.34 -6.01
N PHE A 218 -12.41 7.82 -5.11
CA PHE A 218 -11.83 6.93 -4.10
C PHE A 218 -12.91 6.39 -3.18
N ARG A 219 -13.79 7.27 -2.69
CA ARG A 219 -14.80 6.83 -1.75
C ARG A 219 -15.85 5.95 -2.42
N ARG A 220 -16.21 6.24 -3.67
CA ARG A 220 -17.16 5.38 -4.37
C ARG A 220 -16.57 3.99 -4.57
N ARG A 221 -15.27 3.91 -4.89
CA ARG A 221 -14.61 2.61 -4.96
C ARG A 221 -14.43 2.01 -3.58
N LEU A 222 -14.22 2.85 -2.55
CA LEU A 222 -14.06 2.35 -1.20
C LEU A 222 -15.30 1.62 -0.73
N ASP A 223 -16.48 2.21 -0.98
CA ASP A 223 -17.72 1.54 -0.61
C ASP A 223 -17.88 0.25 -1.39
N ASP A 224 -17.56 0.25 -2.67
CA ASP A 224 -17.67 -0.98 -3.47
C ASP A 224 -16.70 -2.05 -2.98
N TYR A 225 -15.50 -1.65 -2.55
CA TYR A 225 -14.56 -2.64 -2.03
C TYR A 225 -15.09 -3.24 -0.74
N ILE A 226 -15.61 -2.41 0.16
CA ILE A 226 -16.13 -2.92 1.42
C ILE A 226 -17.35 -3.80 1.18
N ASP A 227 -18.16 -3.44 0.17
CA ASP A 227 -19.29 -4.30 -0.18
C ASP A 227 -18.81 -5.62 -0.77
N PHE A 228 -17.68 -5.61 -1.49
CA PHE A 228 -17.08 -6.87 -1.91
C PHE A 228 -16.57 -7.66 -0.71
N LEU A 229 -15.94 -6.97 0.25
CA LEU A 229 -15.41 -7.65 1.42
C LEU A 229 -16.52 -8.29 2.25
N VAL A 230 -17.62 -7.56 2.44
CA VAL A 230 -18.73 -8.10 3.23
C VAL A 230 -19.32 -9.34 2.57
N SER A 231 -19.52 -9.29 1.25
CA SER A 231 -20.05 -10.46 0.54
C SER A 231 -19.05 -11.59 0.53
N TRP A 232 -17.75 -11.28 0.49
CA TRP A 232 -16.71 -12.30 0.54
C TRP A 232 -16.56 -12.87 1.95
N GLN A 233 -16.58 -12.01 2.96
CA GLN A 233 -16.18 -12.39 4.31
C GLN A 233 -17.34 -12.90 5.15
N ARG A 234 -18.57 -12.51 4.86
CA ARG A 234 -19.71 -13.01 5.64
C ARG A 234 -19.87 -14.51 5.49
N PRO A 235 -20.05 -15.07 4.29
CA PRO A 235 -20.11 -16.53 4.20
C PRO A 235 -18.81 -17.22 4.54
N PHE A 236 -17.68 -16.52 4.39
CA PHE A 236 -16.39 -17.12 4.72
C PHE A 236 -16.17 -17.19 6.22
N VAL A 237 -16.31 -16.06 6.91
CA VAL A 237 -16.21 -16.06 8.37
C VAL A 237 -17.38 -16.84 8.97
N GLY A 238 -18.53 -16.82 8.31
CA GLY A 238 -19.66 -17.62 8.79
C GLY A 238 -19.36 -19.10 8.77
N LYS A 239 -18.62 -19.55 7.76
CA LYS A 239 -18.19 -20.95 7.70
C LYS A 239 -17.00 -21.22 8.62
N LYS A 240 -16.11 -20.23 8.77
CA LYS A 240 -14.92 -20.42 9.59
C LYS A 240 -15.29 -20.76 11.02
N THR A 241 -16.26 -20.04 11.59
CA THR A 241 -16.66 -20.30 12.96
C THR A 241 -17.45 -21.60 13.07
N LEU A 242 -18.19 -21.97 12.03
CA LEU A 242 -18.83 -23.28 12.04
C LEU A 242 -17.80 -24.40 12.09
N MET A 243 -16.71 -24.26 11.33
CA MET A 243 -15.64 -25.24 11.42
C MET A 243 -14.95 -25.21 12.78
N ASP A 244 -14.78 -24.03 13.36
CA ASP A 244 -14.21 -23.94 14.69
C ASP A 244 -15.08 -24.65 15.71
N LEU A 245 -16.39 -24.43 15.66
CA LEU A 245 -17.31 -25.09 16.59
C LEU A 245 -17.30 -26.59 16.40
N VAL A 246 -17.30 -27.07 15.15
CA VAL A 246 -17.41 -28.51 14.91
C VAL A 246 -16.16 -29.23 15.40
N THR A 247 -14.97 -28.66 15.16
CA THR A 247 -13.72 -29.32 15.46
C THR A 247 -13.18 -29.02 16.85
N ARG A 248 -13.92 -28.27 17.68
CA ARG A 248 -13.39 -27.88 18.98
C ARG A 248 -13.18 -29.11 19.85
N PRO A 249 -12.29 -29.04 20.85
CA PRO A 249 -12.19 -30.16 21.80
C PRO A 249 -13.46 -30.43 22.56
N ALA A 250 -14.23 -29.38 22.87
CA ALA A 250 -15.48 -29.56 23.60
C ALA A 250 -16.51 -30.31 22.77
N THR A 251 -16.54 -30.06 21.46
CA THR A 251 -17.48 -30.77 20.60
C THR A 251 -17.07 -32.23 20.45
N PHE A 252 -15.78 -32.51 20.33
CA PHE A 252 -15.32 -33.89 20.36
C PHE A 252 -15.59 -34.53 21.71
N LEU A 253 -15.32 -33.80 22.80
CA LEU A 253 -15.50 -34.38 24.13
C LEU A 253 -16.98 -34.62 24.43
N TRP A 254 -17.86 -33.71 24.00
CA TRP A 254 -19.28 -33.93 24.23
C TRP A 254 -19.81 -35.12 23.43
N ILE A 255 -19.47 -35.18 22.14
CA ILE A 255 -20.02 -36.24 21.31
C ILE A 255 -19.42 -37.59 21.69
N ILE A 256 -18.20 -37.61 22.24
CA ILE A 256 -17.65 -38.85 22.78
C ILE A 256 -18.47 -39.30 23.98
N LEU A 257 -18.76 -38.38 24.90
CA LEU A 257 -19.51 -38.75 26.09
C LEU A 257 -20.94 -39.15 25.74
N VAL A 258 -21.53 -38.51 24.73
CA VAL A 258 -22.88 -38.87 24.32
C VAL A 258 -22.92 -40.29 23.79
N ALA A 259 -21.87 -40.71 23.08
CA ALA A 259 -21.82 -42.06 22.53
C ALA A 259 -21.21 -43.08 23.49
N GLY A 260 -20.50 -42.62 24.52
CA GLY A 260 -19.89 -43.51 25.49
C GLY A 260 -20.70 -43.72 26.76
N VAL A 261 -21.23 -42.62 27.31
CA VAL A 261 -21.98 -42.71 28.57
C VAL A 261 -23.14 -43.69 28.48
N PRO A 262 -23.99 -43.66 27.45
CA PRO A 262 -25.01 -44.72 27.34
C PRO A 262 -24.44 -46.11 27.24
N LEU A 263 -23.25 -46.28 26.64
CA LEU A 263 -22.62 -47.59 26.61
C LEU A 263 -22.06 -47.97 27.98
N VAL A 264 -21.56 -46.99 28.74
CA VAL A 264 -21.04 -47.29 30.07
C VAL A 264 -22.18 -47.72 30.99
N VAL A 265 -23.31 -47.02 30.95
CA VAL A 265 -24.40 -47.31 31.86
C VAL A 265 -24.93 -48.72 31.61
N THR A 266 -25.12 -49.09 30.35
CA THR A 266 -25.51 -50.45 30.01
C THR A 266 -24.29 -51.35 30.05
N GLY A 267 -24.54 -52.66 30.10
CA GLY A 267 -23.47 -53.62 30.08
C GLY A 267 -22.91 -53.84 28.69
N ARG A 268 -22.32 -52.80 28.11
CA ARG A 268 -21.82 -52.84 26.73
C ARG A 268 -20.43 -52.29 26.57
N MET A 269 -19.90 -51.50 27.51
CA MET A 269 -18.56 -50.96 27.39
C MET A 269 -18.06 -50.57 28.77
N ASP A 270 -16.82 -50.95 29.08
CA ASP A 270 -16.24 -50.59 30.36
C ASP A 270 -15.79 -49.13 30.32
N PRO A 271 -15.83 -48.41 31.45
CA PRO A 271 -15.40 -47.01 31.43
C PRO A 271 -13.90 -46.85 31.28
N VAL A 272 -13.13 -47.92 31.40
CA VAL A 272 -11.67 -47.84 31.22
C VAL A 272 -11.34 -47.63 29.75
N ASN A 273 -12.07 -48.27 28.84
CA ASN A 273 -11.81 -48.13 27.42
C ASN A 273 -12.18 -46.76 26.88
N LEU A 274 -12.86 -45.93 27.67
CA LEU A 274 -13.07 -44.54 27.28
C LEU A 274 -11.79 -43.71 27.35
N LEU A 275 -10.81 -44.17 28.11
CA LEU A 275 -9.63 -43.34 28.38
C LEU A 275 -8.89 -42.90 27.13
N PRO A 276 -8.63 -43.77 26.13
CA PRO A 276 -7.99 -43.27 24.90
C PRO A 276 -8.75 -42.14 24.24
N PHE A 277 -10.07 -42.24 24.17
CA PHE A 277 -10.85 -41.25 23.44
C PHE A 277 -10.84 -39.90 24.14
N LEU A 278 -11.03 -39.90 25.46
CA LEU A 278 -11.07 -38.64 26.20
C LEU A 278 -9.73 -37.94 26.19
N LEU A 279 -8.64 -38.71 26.11
CA LEU A 279 -7.29 -38.14 26.13
C LEU A 279 -6.79 -37.81 24.73
N LEU A 280 -6.99 -38.71 23.76
CA LEU A 280 -6.51 -38.52 22.40
C LEU A 280 -7.57 -38.00 21.45
N GLY A 281 -8.83 -38.40 21.62
CA GLY A 281 -9.86 -38.03 20.65
C GLY A 281 -10.07 -36.53 20.54
N THR A 282 -9.81 -35.79 21.61
CA THR A 282 -9.98 -34.34 21.58
C THR A 282 -8.75 -33.61 21.03
N THR A 283 -7.69 -34.33 20.67
CA THR A 283 -6.42 -33.69 20.33
C THR A 283 -6.30 -33.35 18.85
N PHE A 284 -6.89 -34.15 17.97
CA PHE A 284 -6.67 -34.00 16.53
C PHE A 284 -7.59 -33.00 15.86
N GLY A 285 -8.50 -32.36 16.60
CA GLY A 285 -9.32 -31.33 15.99
C GLY A 285 -8.51 -30.14 15.52
N ALA A 286 -7.52 -29.73 16.32
CA ALA A 286 -6.72 -28.56 15.97
C ALA A 286 -5.83 -28.81 14.77
N ARG A 287 -5.53 -30.08 14.45
CA ARG A 287 -4.80 -30.38 13.23
C ARG A 287 -5.66 -30.16 11.99
N LEU A 288 -6.89 -30.69 12.01
CA LEU A 288 -7.80 -30.47 10.90
C LEU A 288 -8.12 -28.98 10.74
N LEU A 289 -8.24 -28.28 11.86
CA LEU A 289 -8.59 -26.87 11.82
C LEU A 289 -7.46 -26.03 11.23
N GLY A 290 -6.21 -26.49 11.34
CA GLY A 290 -5.10 -25.77 10.75
C GLY A 290 -5.11 -25.81 9.23
N ILE A 291 -5.33 -26.99 8.65
CA ILE A 291 -5.37 -27.10 7.20
C ILE A 291 -6.61 -26.42 6.64
N GLY A 292 -7.74 -26.51 7.34
CA GLY A 292 -8.95 -25.87 6.86
C GLY A 292 -8.81 -24.37 6.74
N TYR A 293 -8.23 -23.74 7.76
CA TYR A 293 -7.95 -22.31 7.68
C TYR A 293 -6.80 -22.00 6.72
N GLY A 294 -6.04 -23.00 6.30
CA GLY A 294 -4.89 -22.79 5.45
C GLY A 294 -5.15 -22.98 3.98
N LEU A 295 -6.30 -23.56 3.63
CA LEU A 295 -6.62 -23.77 2.22
C LEU A 295 -6.71 -22.44 1.48
N SER A 296 -7.28 -21.42 2.12
CA SER A 296 -7.31 -20.09 1.52
C SER A 296 -5.90 -19.51 1.42
N GLY A 297 -5.05 -19.78 2.40
CA GLY A 297 -3.68 -19.31 2.33
C GLY A 297 -2.91 -19.93 1.19
N ILE A 298 -3.15 -21.21 0.93
CA ILE A 298 -2.53 -21.87 -0.23
C ILE A 298 -3.02 -21.23 -1.52
N GLN A 299 -4.32 -20.94 -1.61
CA GLN A 299 -4.89 -20.38 -2.83
C GLN A 299 -4.31 -19.01 -3.13
N THR A 300 -4.23 -18.15 -2.12
CA THR A 300 -3.59 -16.85 -2.33
C THR A 300 -2.10 -17.02 -2.61
N GLY A 301 -1.47 -18.03 -2.02
CA GLY A 301 -0.07 -18.28 -2.30
C GLY A 301 0.17 -18.75 -3.73
N MET A 302 -0.62 -19.71 -4.20
CA MET A 302 -0.43 -20.21 -5.56
C MET A 302 -0.72 -19.14 -6.60
N LEU A 303 -1.75 -18.33 -6.37
CA LEU A 303 -2.03 -17.21 -7.26
C LEU A 303 -0.92 -16.17 -7.21
N ALA A 304 -0.39 -15.90 -6.02
CA ALA A 304 0.72 -14.96 -5.91
C ALA A 304 1.96 -15.48 -6.62
N ALA A 305 2.20 -16.79 -6.53
CA ALA A 305 3.31 -17.39 -7.27
C ALA A 305 3.11 -17.28 -8.77
N ARG A 306 1.88 -17.53 -9.24
CA ARG A 306 1.60 -17.41 -10.67
C ARG A 306 1.77 -15.98 -11.15
N ARG A 307 1.35 -15.00 -10.34
CA ARG A 307 1.54 -13.60 -10.73
C ARG A 307 3.01 -13.22 -10.73
N ILE A 308 3.79 -13.76 -9.79
CA ILE A 308 5.22 -13.42 -9.74
C ILE A 308 5.97 -14.06 -10.90
N GLN A 309 5.73 -15.34 -11.17
CA GLN A 309 6.43 -16.01 -12.26
C GLN A 309 6.00 -15.46 -13.61
N THR A 310 4.76 -14.98 -13.73
CA THR A 310 4.33 -14.36 -14.97
C THR A 310 5.12 -13.09 -15.27
N VAL A 311 5.57 -12.40 -14.23
CA VAL A 311 6.42 -11.23 -14.43
C VAL A 311 7.86 -11.65 -14.71
N LEU A 312 8.28 -12.79 -14.16
CA LEU A 312 9.67 -13.23 -14.28
C LEU A 312 9.97 -13.95 -15.59
N ASP A 313 8.97 -14.23 -16.42
CA ASP A 313 9.19 -14.66 -17.80
C ASP A 313 8.73 -13.62 -18.82
N GLU A 314 8.56 -12.37 -18.39
CA GLU A 314 8.19 -11.30 -19.29
C GLU A 314 9.34 -11.00 -20.26
N PRO A 315 9.05 -10.49 -21.46
CA PRO A 315 10.14 -10.02 -22.32
C PRO A 315 10.98 -8.97 -21.62
N GLU A 316 12.29 -9.06 -21.81
CA GLU A 316 13.25 -8.46 -20.89
C GLU A 316 14.07 -7.32 -21.47
N LEU A 317 13.87 -6.95 -22.74
CA LEU A 317 14.69 -5.91 -23.38
C LEU A 317 16.15 -6.36 -23.41
N VAL A 318 16.36 -7.55 -23.98
CA VAL A 318 17.64 -8.25 -23.84
C VAL A 318 18.76 -7.47 -24.50
N VAL A 319 19.98 -7.75 -24.06
CA VAL A 319 21.20 -7.20 -24.64
C VAL A 319 21.84 -8.29 -25.49
N ARG A 320 21.50 -8.31 -26.78
CA ARG A 320 21.96 -9.38 -27.66
C ARG A 320 23.44 -9.23 -27.96
N ASP A 321 24.07 -10.35 -28.31
CA ASP A 321 25.50 -10.43 -28.53
C ASP A 321 25.89 -10.23 -29.99
N ARG A 322 25.07 -9.54 -30.78
CA ARG A 322 25.38 -9.36 -32.19
C ARG A 322 26.66 -8.54 -32.38
N THR A 323 26.83 -7.50 -31.56
CA THR A 323 28.03 -6.67 -31.61
C THR A 323 28.17 -5.99 -32.97
N ARG A 337 32.69 10.00 -34.99
CA ARG A 337 31.83 8.87 -34.63
C ARG A 337 31.52 8.78 -33.13
N PRO A 338 32.52 8.97 -32.25
CA PRO A 338 32.21 8.99 -30.82
C PRO A 338 31.19 10.07 -30.48
N GLY A 339 30.15 9.65 -29.76
CA GLY A 339 29.03 10.53 -29.46
C GLY A 339 27.98 10.65 -30.56
N THR A 340 28.11 9.87 -31.64
CA THR A 340 27.17 9.93 -32.75
C THR A 340 25.99 9.01 -32.49
N VAL A 341 24.78 9.54 -32.62
CA VAL A 341 23.54 8.78 -32.49
C VAL A 341 22.83 8.83 -33.84
N GLU A 342 22.49 7.66 -34.36
CA GLU A 342 21.86 7.54 -35.67
C GLU A 342 20.55 6.77 -35.54
N LEU A 343 19.46 7.40 -35.95
CA LEU A 343 18.17 6.74 -36.08
C LEU A 343 17.96 6.40 -37.55
N ASP A 344 17.68 5.13 -37.84
CA ASP A 344 17.54 4.64 -39.21
C ASP A 344 16.22 3.90 -39.34
N ARG A 345 15.26 4.51 -40.04
CA ARG A 345 14.00 3.85 -40.37
C ARG A 345 13.26 3.43 -39.10
N VAL A 346 13.37 4.24 -38.06
CA VAL A 346 12.83 3.89 -36.75
C VAL A 346 11.32 4.11 -36.74
N SER A 347 10.58 3.09 -36.37
CA SER A 347 9.14 3.18 -36.13
C SER A 347 8.83 2.53 -34.80
N PHE A 348 7.82 3.07 -34.12
CA PHE A 348 7.49 2.63 -32.77
C PHE A 348 6.00 2.77 -32.53
N GLU A 349 5.47 1.87 -31.72
CA GLU A 349 4.05 1.84 -31.38
C GLU A 349 3.94 1.46 -29.91
N TYR A 350 3.30 2.30 -29.11
CA TYR A 350 3.12 1.96 -27.70
C TYR A 350 2.24 0.72 -27.54
N ARG A 351 1.18 0.62 -28.34
CA ARG A 351 0.34 -0.56 -28.42
C ARG A 351 0.11 -0.86 -29.89
N PRO A 352 -0.11 -2.13 -30.26
CA PRO A 352 -0.22 -2.46 -31.68
C PRO A 352 -1.43 -1.80 -32.32
N GLY A 353 -1.28 -1.44 -33.59
CA GLY A 353 -2.35 -0.88 -34.38
C GLY A 353 -2.28 0.62 -34.58
N VAL A 354 -1.72 1.36 -33.62
CA VAL A 354 -1.57 2.80 -33.74
C VAL A 354 -0.09 3.09 -34.03
N PRO A 355 0.25 3.81 -35.11
CA PRO A 355 1.63 4.29 -35.25
C PRO A 355 1.85 5.60 -34.51
N VAL A 356 2.87 5.63 -33.65
CA VAL A 356 3.28 6.85 -32.97
C VAL A 356 4.45 7.51 -33.68
N ILE A 357 5.41 6.70 -34.14
CA ILE A 357 6.54 7.14 -34.94
C ILE A 357 6.50 6.37 -36.25
N ARG A 358 6.75 7.08 -37.36
CA ARG A 358 6.55 6.55 -38.71
C ARG A 358 7.81 6.76 -39.53
N ASP A 359 8.72 5.79 -39.50
CA ASP A 359 9.87 5.74 -40.40
C ASP A 359 10.76 6.98 -40.26
N VAL A 360 11.05 7.37 -39.02
CA VAL A 360 11.94 8.50 -38.78
C VAL A 360 13.38 8.11 -39.07
N THR A 361 14.10 8.99 -39.76
CA THR A 361 15.52 8.83 -40.01
C THR A 361 16.21 10.13 -39.64
N LEU A 362 17.08 10.07 -38.62
CA LEU A 362 17.76 11.26 -38.13
C LEU A 362 19.12 10.85 -37.60
N THR A 363 20.08 11.77 -37.72
CA THR A 363 21.47 11.54 -37.33
C THR A 363 21.93 12.69 -36.44
N LEU A 364 22.41 12.34 -35.25
CA LEU A 364 22.95 13.30 -34.29
C LEU A 364 24.45 13.09 -34.19
N ARG A 365 25.21 14.15 -34.38
CA ARG A 365 26.67 14.11 -34.49
C ARG A 365 27.29 14.91 -33.36
N PRO A 366 28.55 14.63 -32.98
CA PRO A 366 29.15 15.37 -31.87
C PRO A 366 29.28 16.85 -32.16
N GLY A 367 29.07 17.66 -31.12
CA GLY A 367 29.18 19.10 -31.24
C GLY A 367 28.10 19.74 -32.08
N THR A 368 26.93 19.12 -32.18
CA THR A 368 25.82 19.64 -32.95
C THR A 368 24.56 19.63 -32.10
N VAL A 369 23.93 20.80 -31.98
CA VAL A 369 22.70 20.96 -31.22
C VAL A 369 21.53 20.79 -32.18
N THR A 370 20.69 19.79 -31.91
CA THR A 370 19.54 19.45 -32.74
C THR A 370 18.27 19.77 -31.98
N ALA A 371 17.35 20.49 -32.64
CA ALA A 371 16.08 20.87 -32.06
C ALA A 371 14.97 20.03 -32.68
N LEU A 372 14.20 19.35 -31.83
CA LEU A 372 13.10 18.50 -32.25
C LEU A 372 11.80 19.13 -31.77
N VAL A 373 11.06 19.75 -32.69
CA VAL A 373 9.86 20.52 -32.38
C VAL A 373 8.70 19.96 -33.20
N GLY A 374 7.50 20.43 -32.87
CA GLY A 374 6.30 20.03 -33.58
C GLY A 374 5.05 20.13 -32.74
N PRO A 375 3.92 19.66 -33.28
CA PRO A 375 2.68 19.68 -32.52
C PRO A 375 2.74 18.79 -31.28
N SER A 376 1.95 19.17 -30.28
CA SER A 376 1.79 18.34 -29.10
C SER A 376 1.25 16.97 -29.49
N GLY A 377 1.78 15.93 -28.87
CA GLY A 377 1.40 14.58 -29.22
C GLY A 377 1.99 14.07 -30.51
N SER A 378 2.97 14.76 -31.07
CA SER A 378 3.57 14.36 -32.34
C SER A 378 4.58 13.24 -32.20
N GLY A 379 5.03 12.92 -30.99
CA GLY A 379 5.95 11.83 -30.75
C GLY A 379 7.36 12.22 -30.36
N LYS A 380 7.61 13.48 -30.02
CA LYS A 380 8.99 13.91 -29.83
C LYS A 380 9.59 13.33 -28.55
N SER A 381 8.84 13.34 -27.45
CA SER A 381 9.34 12.70 -26.23
C SER A 381 9.47 11.19 -26.41
N THR A 382 8.66 10.60 -27.29
CA THR A 382 8.77 9.18 -27.56
C THR A 382 10.09 8.85 -28.26
N LEU A 383 10.56 9.73 -29.16
CA LEU A 383 11.87 9.51 -29.77
C LEU A 383 12.97 9.57 -28.73
N ALA A 384 12.91 10.54 -27.81
CA ALA A 384 13.90 10.61 -26.75
C ALA A 384 13.87 9.35 -25.90
N ALA A 385 12.67 8.84 -25.60
CA ALA A 385 12.55 7.61 -24.83
C ALA A 385 13.15 6.43 -25.58
N LEU A 386 13.14 6.44 -26.92
CA LEU A 386 13.74 5.35 -27.68
C LEU A 386 15.25 5.44 -27.67
N VAL A 387 15.81 6.65 -27.67
CA VAL A 387 17.26 6.81 -27.59
C VAL A 387 17.78 6.30 -26.26
N ALA A 388 17.07 6.60 -25.17
CA ALA A 388 17.39 6.05 -23.86
C ALA A 388 17.05 4.57 -23.73
N ARG A 389 16.34 4.01 -24.69
CA ARG A 389 15.99 2.58 -24.68
C ARG A 389 15.12 2.23 -23.48
N PHE A 390 14.20 3.11 -23.12
CA PHE A 390 13.11 2.71 -22.25
C PHE A 390 12.16 1.76 -22.98
N HIS A 391 12.00 1.95 -24.28
CA HIS A 391 11.22 1.06 -25.13
C HIS A 391 12.07 0.64 -26.32
N ASP A 392 11.70 -0.47 -26.93
CA ASP A 392 12.41 -1.01 -28.09
C ASP A 392 11.67 -0.62 -29.37
N VAL A 393 12.44 -0.16 -30.37
CA VAL A 393 11.84 0.22 -31.64
C VAL A 393 11.22 -0.99 -32.31
N THR A 394 10.07 -0.77 -32.95
CA THR A 394 9.37 -1.84 -33.65
C THR A 394 9.96 -2.10 -35.03
N GLN A 395 10.59 -1.09 -35.64
CA GLN A 395 11.26 -1.25 -36.92
C GLN A 395 12.52 -0.40 -36.91
N GLY A 396 13.43 -0.72 -37.81
CA GLY A 396 14.66 0.04 -37.90
C GLY A 396 15.55 -0.20 -36.70
N ALA A 397 16.53 0.69 -36.54
CA ALA A 397 17.54 0.51 -35.51
C ALA A 397 18.04 1.86 -35.04
N ILE A 398 18.49 1.90 -33.79
CA ILE A 398 19.16 3.05 -33.19
C ILE A 398 20.56 2.60 -32.80
N ARG A 399 21.57 3.37 -33.21
CA ARG A 399 22.97 3.07 -32.92
C ARG A 399 23.64 4.30 -32.36
N VAL A 400 24.35 4.13 -31.24
CA VAL A 400 25.16 5.20 -30.64
C VAL A 400 26.63 4.84 -30.86
N ASP A 401 27.41 5.85 -31.25
CA ASP A 401 28.78 5.73 -31.75
C ASP A 401 28.98 4.49 -32.60
N GLY A 402 28.06 4.26 -33.54
CA GLY A 402 28.16 3.17 -34.49
C GLY A 402 27.80 1.80 -33.96
N ARG A 403 27.38 1.69 -32.70
CA ARG A 403 27.03 0.41 -32.08
C ARG A 403 25.55 0.40 -31.77
N ASP A 404 24.87 -0.68 -32.17
CA ASP A 404 23.44 -0.80 -31.95
C ASP A 404 23.13 -0.76 -30.46
N ILE A 405 22.11 0.02 -30.09
CA ILE A 405 21.73 0.17 -28.69
C ILE A 405 21.26 -1.15 -28.11
N ARG A 406 20.65 -2.01 -28.93
CA ARG A 406 20.23 -3.32 -28.47
C ARG A 406 21.41 -4.25 -28.16
N THR A 407 22.61 -3.92 -28.63
CA THR A 407 23.81 -4.68 -28.30
C THR A 407 24.54 -4.12 -27.09
N LEU A 408 24.38 -2.83 -26.79
CA LEU A 408 25.00 -2.24 -25.62
C LEU A 408 24.31 -2.69 -24.35
N THR A 409 25.08 -2.82 -23.27
CA THR A 409 24.54 -3.05 -21.96
C THR A 409 24.14 -1.72 -21.32
N ALA A 410 23.33 -1.81 -20.26
CA ALA A 410 22.72 -0.62 -19.67
C ALA A 410 23.78 0.33 -19.14
N ASP A 411 24.85 -0.20 -18.56
CA ASP A 411 25.92 0.66 -18.07
C ASP A 411 26.63 1.35 -19.23
N GLU A 412 26.93 0.62 -20.30
CA GLU A 412 27.54 1.23 -21.47
C GLU A 412 26.58 2.22 -22.13
N LEU A 413 25.31 1.85 -22.25
CA LEU A 413 24.32 2.71 -22.88
C LEU A 413 24.17 4.03 -22.14
N TYR A 414 23.91 3.95 -20.83
CA TYR A 414 23.61 5.14 -20.05
C TYR A 414 24.85 5.91 -19.64
N ARG A 415 26.03 5.32 -19.77
CA ARG A 415 27.26 6.09 -19.70
C ARG A 415 27.45 6.91 -20.97
N ARG A 416 26.80 6.50 -22.08
CA ARG A 416 26.98 7.19 -23.36
C ARG A 416 26.03 8.36 -23.53
N VAL A 417 24.85 8.33 -22.90
CA VAL A 417 23.79 9.32 -23.09
C VAL A 417 23.31 9.82 -21.73
N GLY A 418 23.03 11.12 -21.65
CA GLY A 418 22.41 11.70 -20.47
C GLY A 418 21.06 12.31 -20.83
N PHE A 419 20.14 12.31 -19.86
CA PHE A 419 18.73 12.58 -20.14
C PHE A 419 18.09 13.50 -19.10
N VAL A 420 17.23 14.38 -19.62
CA VAL A 420 16.27 15.15 -18.86
C VAL A 420 14.91 14.91 -19.51
N LEU A 421 13.89 14.59 -18.72
CA LEU A 421 12.76 13.80 -19.23
C LEU A 421 11.40 14.49 -19.18
N GLN A 422 11.33 15.80 -18.92
CA GLN A 422 10.11 16.61 -18.90
C GLN A 422 9.21 16.36 -17.69
N ASP A 423 9.44 15.30 -16.94
CA ASP A 423 8.71 15.00 -15.70
C ASP A 423 9.75 15.00 -14.61
N ALA A 424 9.85 16.11 -13.88
CA ALA A 424 10.89 16.25 -12.88
C ALA A 424 10.60 15.33 -11.69
N GLN A 425 10.76 14.03 -11.90
CA GLN A 425 10.63 13.08 -10.81
C GLN A 425 11.82 13.23 -9.88
N LEU A 426 11.55 13.30 -8.58
CA LEU A 426 12.57 13.36 -7.55
C LEU A 426 12.37 12.19 -6.60
N VAL A 427 13.47 11.55 -6.23
CA VAL A 427 13.42 10.40 -5.33
C VAL A 427 13.42 10.89 -3.89
N HIS A 428 12.76 10.14 -3.02
CA HIS A 428 12.71 10.43 -1.59
C HIS A 428 14.12 10.31 -1.03
N GLY A 429 14.77 11.46 -0.85
CA GLY A 429 16.10 11.50 -0.27
C GLY A 429 16.57 12.94 -0.25
N SER A 430 17.80 13.12 0.19
CA SER A 430 18.36 14.46 0.22
C SER A 430 18.47 15.01 -1.19
N VAL A 431 18.63 16.34 -1.29
CA VAL A 431 18.89 16.94 -2.59
C VAL A 431 20.19 16.39 -3.17
N ALA A 432 21.19 16.15 -2.32
CA ALA A 432 22.43 15.55 -2.77
C ALA A 432 22.20 14.14 -3.30
N GLU A 433 21.34 13.37 -2.64
CA GLU A 433 20.99 12.05 -3.14
C GLU A 433 20.13 12.09 -4.39
N ASN A 434 19.64 13.27 -4.79
CA ASN A 434 18.97 13.48 -6.07
C ASN A 434 19.88 14.09 -7.13
N ILE A 435 20.70 15.07 -6.76
CA ILE A 435 21.66 15.62 -7.70
C ILE A 435 22.72 14.59 -8.05
N ALA A 436 23.16 13.80 -7.06
CA ALA A 436 24.17 12.78 -7.26
C ALA A 436 23.57 11.41 -7.57
N LEU A 437 22.40 11.37 -8.19
CA LEU A 437 21.77 10.09 -8.48
C LEU A 437 22.61 9.27 -9.45
N ALA A 438 23.15 9.91 -10.49
CA ALA A 438 23.93 9.18 -11.49
C ALA A 438 25.19 8.59 -10.89
N GLU A 439 25.88 9.36 -10.06
CA GLU A 439 27.14 8.96 -9.43
C GLU A 439 27.00 9.15 -7.93
N PRO A 440 26.40 8.18 -7.23
CA PRO A 440 26.18 8.35 -5.78
C PRO A 440 27.45 8.54 -4.99
N ASP A 441 28.56 7.98 -5.46
CA ASP A 441 29.85 8.16 -4.80
C ASP A 441 30.45 9.54 -5.05
N ALA A 442 29.85 10.35 -5.92
CA ALA A 442 30.41 11.66 -6.22
C ALA A 442 30.45 12.53 -4.98
N GLY A 443 31.50 13.33 -4.86
CA GLY A 443 31.69 14.14 -3.69
C GLY A 443 30.81 15.38 -3.68
N LEU A 444 30.81 16.06 -2.54
CA LEU A 444 30.03 17.28 -2.42
C LEU A 444 30.57 18.39 -3.32
N GLU A 445 31.86 18.36 -3.64
CA GLU A 445 32.42 19.42 -4.47
C GLU A 445 31.85 19.36 -5.89
N ARG A 446 31.67 18.15 -6.44
CA ARG A 446 31.02 18.03 -7.74
C ARG A 446 29.54 18.37 -7.65
N ILE A 447 28.87 17.96 -6.57
CA ILE A 447 27.42 18.18 -6.44
C ILE A 447 27.12 19.68 -6.43
N ARG A 448 27.89 20.46 -5.67
CA ARG A 448 27.72 21.90 -5.69
C ARG A 448 28.00 22.46 -7.07
N THR A 449 29.01 21.93 -7.76
CA THR A 449 29.36 22.45 -9.07
C THR A 449 28.26 22.15 -10.09
N ALA A 450 27.65 20.97 -10.02
CA ALA A 450 26.51 20.69 -10.87
C ALA A 450 25.35 21.66 -10.58
N ALA A 451 25.04 21.86 -9.30
CA ALA A 451 23.93 22.72 -8.94
C ALA A 451 24.20 24.17 -9.31
N ARG A 452 25.43 24.63 -9.09
CA ARG A 452 25.77 26.00 -9.48
C ARG A 452 25.61 26.20 -10.99
N ASP A 453 25.93 25.17 -11.78
CA ASP A 453 25.77 25.25 -13.22
C ASP A 453 24.31 25.09 -13.65
N ALA A 454 23.51 24.34 -12.89
CA ALA A 454 22.08 24.26 -13.13
C ALA A 454 21.30 25.43 -12.52
N GLN A 455 21.97 26.34 -11.81
CA GLN A 455 21.38 27.56 -11.28
C GLN A 455 20.28 27.24 -10.25
N ILE A 456 20.61 26.34 -9.33
CA ILE A 456 19.76 26.04 -8.19
C ILE A 456 20.53 26.02 -6.87
N HIS A 457 21.83 26.36 -6.88
CA HIS A 457 22.58 26.37 -5.63
C HIS A 457 22.07 27.43 -4.67
N ASP A 458 21.64 28.58 -5.19
CA ASP A 458 21.12 29.62 -4.32
C ASP A 458 19.91 29.14 -3.54
N ARG A 459 19.04 28.37 -4.19
CA ARG A 459 17.87 27.82 -3.50
C ARG A 459 18.28 26.84 -2.41
N ILE A 460 19.22 25.95 -2.71
CA ILE A 460 19.58 24.91 -1.74
C ILE A 460 20.27 25.50 -0.54
N THR A 461 21.02 26.60 -0.72
CA THR A 461 21.69 27.24 0.41
C THR A 461 20.69 27.76 1.43
N ARG A 462 19.53 28.24 0.97
CA ARG A 462 18.53 28.80 1.86
C ARG A 462 17.69 27.75 2.58
N MET A 463 17.84 26.47 2.24
CA MET A 463 17.09 25.43 2.93
C MET A 463 17.62 25.26 4.35
N PRO A 464 16.81 24.68 5.26
CA PRO A 464 17.29 24.53 6.65
C PRO A 464 18.42 23.54 6.78
N ASP A 465 18.24 22.34 6.20
CA ASP A 465 19.26 21.30 6.25
C ASP A 465 20.38 21.52 5.24
N GLY A 466 20.27 22.51 4.36
CA GLY A 466 21.28 22.70 3.34
C GLY A 466 21.13 21.67 2.26
N TYR A 467 22.23 20.99 1.94
CA TYR A 467 22.25 19.99 0.88
C TYR A 467 21.79 18.61 1.36
N ASP A 468 21.42 18.47 2.62
CA ASP A 468 20.87 17.24 3.16
C ASP A 468 19.36 17.28 3.35
N SER A 469 18.71 18.37 2.96
CA SER A 469 17.27 18.49 3.16
C SER A 469 16.52 17.48 2.33
N VAL A 470 15.53 16.84 2.93
CA VAL A 470 14.85 15.71 2.31
C VAL A 470 13.85 16.20 1.28
N LEU A 471 13.66 15.41 0.22
CA LEU A 471 12.79 15.74 -0.91
C LEU A 471 11.71 14.67 -1.05
N GLY A 472 11.06 14.34 0.06
CA GLY A 472 10.00 13.35 0.07
C GLY A 472 8.76 13.75 -0.71
N ALA A 473 7.61 13.20 -0.31
CA ALA A 473 6.38 13.38 -1.08
C ALA A 473 5.91 14.83 -1.01
N GLY A 474 5.90 15.50 -2.17
CA GLY A 474 5.34 16.83 -2.28
C GLY A 474 5.99 17.85 -1.38
N SER A 475 7.33 17.89 -1.35
CA SER A 475 8.06 18.69 -0.38
C SER A 475 9.23 19.41 -1.03
N ALA A 476 9.56 20.56 -0.45
CA ALA A 476 10.82 21.28 -0.53
C ALA A 476 11.03 22.02 -1.85
N LEU A 477 10.21 21.84 -2.87
CA LEU A 477 10.50 22.44 -4.17
C LEU A 477 9.23 22.68 -4.95
N SER A 478 9.27 23.71 -5.80
CA SER A 478 8.21 24.01 -6.75
C SER A 478 8.56 23.39 -8.10
N GLY A 479 7.69 23.63 -9.09
CA GLY A 479 7.87 22.99 -10.38
C GLY A 479 9.12 23.43 -11.10
N GLY A 480 9.37 24.74 -11.12
CA GLY A 480 10.60 25.23 -11.73
C GLY A 480 11.83 24.75 -11.01
N GLU A 481 11.75 24.63 -9.67
CA GLU A 481 12.89 24.20 -8.88
C GLU A 481 13.11 22.69 -8.98
N ARG A 482 12.04 21.91 -9.14
CA ARG A 482 12.20 20.48 -9.37
C ARG A 482 12.96 20.20 -10.66
N GLN A 483 12.66 20.94 -11.72
CA GLN A 483 13.36 20.74 -12.99
C GLN A 483 14.84 21.08 -12.86
N ARG A 484 15.17 22.20 -12.22
CA ARG A 484 16.57 22.60 -12.13
C ARG A 484 17.39 21.60 -11.33
N VAL A 485 16.76 20.87 -10.41
CA VAL A 485 17.44 19.72 -9.79
C VAL A 485 17.71 18.64 -10.82
N THR A 486 16.73 18.35 -11.68
CA THR A 486 16.90 17.30 -12.68
C THR A 486 17.97 17.67 -13.70
N ILE A 487 18.04 18.94 -14.10
CA ILE A 487 19.14 19.38 -14.96
C ILE A 487 20.45 19.28 -14.21
N ALA A 488 20.45 19.58 -12.91
CA ALA A 488 21.66 19.43 -12.11
C ALA A 488 22.12 17.98 -12.09
N ARG A 489 21.16 17.05 -12.03
CA ARG A 489 21.49 15.63 -12.09
C ARG A 489 22.13 15.27 -13.43
N ALA A 490 21.54 15.73 -14.53
CA ALA A 490 22.05 15.38 -15.85
C ALA A 490 23.43 15.94 -16.09
N ILE A 491 23.69 17.15 -15.57
CA ILE A 491 25.02 17.75 -15.71
C ILE A 491 26.07 16.90 -15.01
N LEU A 492 25.75 16.42 -13.81
CA LEU A 492 26.74 15.69 -13.03
C LEU A 492 27.04 14.32 -13.63
N ALA A 493 26.08 13.73 -14.35
CA ALA A 493 26.35 12.45 -15.00
C ALA A 493 27.47 12.58 -16.03
N ASP A 494 27.45 13.67 -16.80
CA ASP A 494 28.56 14.03 -17.70
C ASP A 494 28.81 12.93 -18.73
N THR A 495 27.81 12.74 -19.61
CA THR A 495 27.84 11.74 -20.66
C THR A 495 28.22 12.37 -21.99
N PRO A 496 28.71 11.58 -22.96
CA PRO A 496 28.99 12.14 -24.30
C PRO A 496 27.78 12.77 -24.98
N VAL A 497 26.60 12.18 -24.84
CA VAL A 497 25.38 12.66 -25.48
C VAL A 497 24.42 13.15 -24.40
N LEU A 498 23.69 14.22 -24.71
CA LEU A 498 22.71 14.79 -23.80
C LEU A 498 21.37 14.92 -24.53
N VAL A 499 20.29 14.58 -23.83
CA VAL A 499 18.94 14.66 -24.37
C VAL A 499 18.11 15.47 -23.39
N LEU A 500 17.56 16.60 -23.85
CA LEU A 500 16.83 17.54 -23.01
C LEU A 500 15.37 17.54 -23.45
N ASP A 501 14.50 16.94 -22.65
CA ASP A 501 13.08 16.85 -22.96
C ASP A 501 12.36 17.97 -22.24
N GLU A 502 12.14 19.09 -22.95
CA GLU A 502 11.46 20.26 -22.40
C GLU A 502 12.10 20.73 -21.10
N ALA A 503 13.43 20.73 -21.10
CA ALA A 503 14.15 21.37 -20.00
C ALA A 503 13.88 22.86 -20.01
N THR A 504 13.81 23.45 -18.82
CA THR A 504 13.53 24.87 -18.65
C THR A 504 12.13 25.24 -19.13
N ALA A 505 11.20 24.28 -19.16
CA ALA A 505 9.82 24.61 -19.50
C ALA A 505 9.22 25.53 -18.45
N PHE A 506 9.48 25.26 -17.17
CA PHE A 506 9.00 26.07 -16.07
C PHE A 506 9.98 27.15 -15.64
N ALA A 507 11.15 27.24 -16.25
CA ALA A 507 12.13 28.25 -15.84
C ALA A 507 11.78 29.60 -16.45
N ASP A 508 11.83 30.65 -15.63
CA ASP A 508 11.59 31.99 -16.11
C ASP A 508 12.72 32.42 -17.05
N PRO A 509 12.50 33.45 -17.89
CA PRO A 509 13.54 33.82 -18.87
C PRO A 509 14.88 34.18 -18.25
N GLU A 510 14.89 34.81 -17.08
CA GLU A 510 16.16 35.17 -16.45
C GLU A 510 16.95 33.92 -16.06
N SER A 511 16.28 32.92 -15.50
CA SER A 511 16.94 31.67 -15.15
C SER A 511 17.16 30.77 -16.36
N GLU A 512 16.25 30.80 -17.34
CA GLU A 512 16.39 29.96 -18.51
C GLU A 512 17.63 30.34 -19.30
N TYR A 513 17.92 31.64 -19.43
CA TYR A 513 19.12 32.07 -20.13
C TYR A 513 20.37 31.54 -19.44
N LEU A 514 20.42 31.64 -18.11
CA LEU A 514 21.59 31.19 -17.37
C LEU A 514 21.78 29.68 -17.50
N VAL A 515 20.69 28.91 -17.43
CA VAL A 515 20.79 27.46 -17.56
C VAL A 515 21.24 27.07 -18.96
N GLN A 516 20.65 27.69 -19.99
CA GLN A 516 21.04 27.36 -21.36
C GLN A 516 22.49 27.76 -21.63
N GLN A 517 22.93 28.88 -21.07
CA GLN A 517 24.33 29.27 -21.22
C GLN A 517 25.25 28.25 -20.57
N ALA A 518 24.85 27.72 -19.41
CA ALA A 518 25.65 26.68 -18.77
C ALA A 518 25.71 25.41 -19.62
N ILE A 519 24.57 25.00 -20.18
CA ILE A 519 24.55 23.78 -20.98
C ILE A 519 25.36 23.96 -22.26
N ASN A 520 25.28 25.14 -22.87
CA ASN A 520 26.10 25.41 -24.04
C ASN A 520 27.59 25.37 -23.68
N ARG A 521 27.94 25.89 -22.51
CA ARG A 521 29.34 25.86 -22.07
C ARG A 521 29.79 24.43 -21.82
N LEU A 522 28.94 23.60 -21.22
CA LEU A 522 29.33 22.24 -20.88
C LEU A 522 29.32 21.29 -22.07
N THR A 523 28.43 21.53 -23.05
CA THR A 523 28.20 20.62 -24.15
C THR A 523 28.56 21.23 -25.51
N ARG A 524 29.62 22.04 -25.54
CA ARG A 524 30.04 22.65 -26.79
C ARG A 524 30.67 21.63 -27.73
N ASP A 525 31.16 20.50 -27.20
CA ASP A 525 31.69 19.38 -27.98
C ASP A 525 31.01 18.09 -27.55
N ARG A 526 29.70 18.15 -27.37
CA ARG A 526 28.89 17.00 -27.01
C ARG A 526 27.63 17.00 -27.85
N THR A 527 27.17 15.80 -28.23
CA THR A 527 25.91 15.69 -28.94
C THR A 527 24.77 16.09 -28.02
N VAL A 528 23.89 16.97 -28.50
CA VAL A 528 22.76 17.48 -27.74
C VAL A 528 21.50 17.35 -28.58
N LEU A 529 20.39 16.99 -27.92
CA LEU A 529 19.07 16.88 -28.55
C LEU A 529 18.10 17.68 -27.70
N VAL A 530 17.90 18.95 -28.06
CA VAL A 530 16.95 19.80 -27.36
C VAL A 530 15.56 19.53 -27.90
N ILE A 531 14.60 19.29 -27.01
CA ILE A 531 13.18 19.22 -27.34
C ILE A 531 12.50 20.37 -26.61
N ALA A 532 11.81 21.22 -27.36
CA ALA A 532 11.18 22.39 -26.77
C ALA A 532 10.05 22.85 -27.67
N HIS A 533 8.92 23.20 -27.05
CA HIS A 533 7.82 23.82 -27.80
C HIS A 533 8.09 25.29 -28.08
N ARG A 534 8.76 25.99 -27.18
CA ARG A 534 9.09 27.39 -27.42
C ARG A 534 10.11 27.43 -28.55
N LEU A 535 9.64 27.81 -29.72
CA LEU A 535 10.51 27.80 -30.89
C LEU A 535 11.58 28.88 -30.82
N HIS A 536 11.32 29.98 -30.11
CA HIS A 536 12.30 31.06 -30.05
C HIS A 536 13.49 30.71 -29.17
N THR A 537 13.44 29.61 -28.42
CA THR A 537 14.59 29.15 -27.63
C THR A 537 15.49 28.19 -28.41
N ILE A 538 15.10 27.78 -29.61
CA ILE A 538 15.88 26.86 -30.43
C ILE A 538 16.16 27.52 -31.77
N THR A 539 16.26 28.85 -31.77
CA THR A 539 16.62 29.59 -32.98
C THR A 539 18.03 29.26 -33.47
N HIS A 540 18.89 28.75 -32.60
CA HIS A 540 20.31 28.61 -32.89
C HIS A 540 20.74 27.15 -33.04
N ALA A 541 19.80 26.20 -33.03
CA ALA A 541 20.15 24.83 -33.33
C ALA A 541 20.63 24.71 -34.77
N ASP A 542 21.73 24.00 -34.97
CA ASP A 542 22.30 23.86 -36.31
C ASP A 542 21.37 23.11 -37.24
N GLN A 543 20.52 22.22 -36.71
CA GLN A 543 19.44 21.65 -37.48
C GLN A 543 18.20 21.57 -36.59
N ILE A 544 17.07 21.99 -37.14
CA ILE A 544 15.77 21.90 -36.45
C ILE A 544 14.96 20.83 -37.17
N VAL A 545 14.61 19.78 -36.45
CA VAL A 545 13.83 18.67 -36.98
C VAL A 545 12.38 18.91 -36.58
N VAL A 546 11.49 18.97 -37.57
CA VAL A 546 10.07 19.15 -37.33
C VAL A 546 9.39 17.79 -37.39
N LEU A 547 8.81 17.38 -36.26
CA LEU A 547 8.13 16.11 -36.13
C LEU A 547 6.63 16.39 -36.02
N ASP A 548 5.88 16.01 -37.05
CA ASP A 548 4.44 16.24 -37.12
C ASP A 548 3.76 14.90 -37.35
N ASP A 549 3.02 14.42 -36.35
CA ASP A 549 2.25 13.19 -36.45
C ASP A 549 3.15 11.97 -36.64
N GLY A 550 4.34 11.99 -36.03
CA GLY A 550 5.21 10.83 -36.05
C GLY A 550 6.09 10.68 -37.28
N ARG A 551 6.21 11.71 -38.10
CA ARG A 551 7.07 11.67 -39.27
C ARG A 551 7.84 12.98 -39.37
N ILE A 552 9.02 12.91 -39.97
CA ILE A 552 9.87 14.08 -40.17
C ILE A 552 9.33 14.81 -41.40
N VAL A 553 8.58 15.89 -41.18
CA VAL A 553 7.98 16.61 -42.29
C VAL A 553 8.96 17.61 -42.91
N GLU A 554 9.92 18.11 -42.15
CA GLU A 554 10.94 18.98 -42.71
C GLU A 554 12.09 19.11 -41.73
N VAL A 555 13.28 19.33 -42.27
CA VAL A 555 14.50 19.50 -41.49
C VAL A 555 15.27 20.68 -42.06
N GLY A 556 15.83 21.50 -41.19
CA GLY A 556 16.66 22.60 -41.63
C GLY A 556 16.88 23.59 -40.50
N THR A 557 17.64 24.63 -40.83
CA THR A 557 17.93 25.69 -39.88
C THR A 557 16.67 26.51 -39.62
N HIS A 558 16.76 27.43 -38.66
CA HIS A 558 15.63 28.31 -38.37
C HIS A 558 15.22 29.10 -39.60
N ASP A 559 16.16 29.78 -40.25
CA ASP A 559 15.83 30.64 -41.38
C ASP A 559 15.30 29.83 -42.54
N GLU A 560 15.86 28.65 -42.79
CA GLU A 560 15.40 27.82 -43.89
C GLU A 560 13.96 27.39 -43.69
N LEU A 561 13.60 27.03 -42.45
CA LEU A 561 12.23 26.58 -42.18
C LEU A 561 11.23 27.72 -42.30
N LEU A 562 11.61 28.93 -41.87
CA LEU A 562 10.73 30.08 -42.04
C LEU A 562 10.50 30.37 -43.52
N ALA A 563 11.55 30.31 -44.33
CA ALA A 563 11.41 30.53 -45.76
C ALA A 563 10.59 29.42 -46.41
N ALA A 564 10.67 28.20 -45.89
CA ALA A 564 9.96 27.08 -46.51
C ALA A 564 8.45 27.25 -46.43
N GLY A 565 7.96 27.97 -45.43
CA GLY A 565 6.53 28.21 -45.31
C GLY A 565 5.72 26.95 -45.07
N GLY A 566 6.19 26.06 -44.21
CA GLY A 566 5.50 24.83 -43.89
C GLY A 566 4.97 24.81 -42.48
N ARG A 567 5.12 23.67 -41.79
CA ARG A 567 4.63 23.55 -40.42
C ARG A 567 5.31 24.53 -39.48
N TYR A 568 6.63 24.67 -39.61
CA TYR A 568 7.37 25.52 -38.69
C TYR A 568 6.99 26.99 -38.84
N ARG A 569 6.73 27.43 -40.07
CA ARG A 569 6.29 28.81 -40.27
C ARG A 569 4.94 29.05 -39.58
N GLY A 570 4.03 28.08 -39.67
CA GLY A 570 2.76 28.22 -39.00
C GLY A 570 2.88 28.29 -37.49
N LEU A 571 3.68 27.39 -36.91
CA LEU A 571 3.88 27.42 -35.46
C LEU A 571 4.58 28.69 -35.03
N TRP A 572 5.58 29.13 -35.80
CA TRP A 572 6.28 30.36 -35.43
C TRP A 572 5.36 31.57 -35.51
N ASP A 573 4.56 31.67 -36.59
CA ASP A 573 3.64 32.80 -36.70
C ASP A 573 2.58 32.75 -35.62
N SER A 574 2.11 31.55 -35.28
CA SER A 574 1.08 31.39 -34.25
C SER A 574 1.60 31.67 -32.85
N GLY A 575 2.91 31.81 -32.66
CA GLY A 575 3.45 32.04 -31.33
C GLY A 575 3.20 33.44 -30.83
N ARG A 576 3.05 34.41 -31.72
CA ARG A 576 2.89 35.81 -31.33
C ARG A 576 1.47 36.15 -30.89
N TYR A 577 0.50 35.25 -31.10
CA TYR A 577 -0.88 35.46 -30.68
C TYR A 577 -1.48 36.70 -31.34
N ILE B 2 -8.28 -4.75 24.16
CA ILE B 2 -7.46 -3.61 23.66
C ILE B 2 -8.23 -2.32 23.92
N ARG B 3 -7.51 -1.20 23.98
CA ARG B 3 -8.08 0.07 24.43
C ARG B 3 -8.41 1.03 23.30
N THR B 4 -7.67 0.98 22.18
CA THR B 4 -7.94 1.89 21.08
C THR B 4 -9.16 1.46 20.26
N LEU B 5 -9.48 0.17 20.23
CA LEU B 5 -10.60 -0.28 19.43
C LEU B 5 -11.93 0.19 20.01
N LEU B 6 -12.02 0.33 21.33
CA LEU B 6 -13.24 0.87 21.92
C LEU B 6 -13.43 2.36 21.65
N ARG B 7 -12.40 3.04 21.15
CA ARG B 7 -12.55 4.42 20.69
C ARG B 7 -13.00 4.50 19.25
N LEU B 8 -12.43 3.65 18.38
CA LEU B 8 -12.79 3.65 16.97
C LEU B 8 -14.18 3.06 16.72
N VAL B 9 -14.72 2.30 17.67
CA VAL B 9 -16.01 1.62 17.45
C VAL B 9 -17.11 2.68 17.35
N PRO B 10 -18.15 2.49 16.54
CA PRO B 10 -19.18 3.52 16.43
C PRO B 10 -19.94 3.72 17.73
N ALA B 11 -20.45 4.94 17.91
CA ALA B 11 -21.34 5.20 19.02
C ALA B 11 -22.67 4.46 18.85
N GLU B 12 -23.06 4.17 17.61
CA GLU B 12 -24.26 3.36 17.36
C GLU B 12 -24.09 1.96 17.91
N LYS B 13 -22.92 1.35 17.69
CA LYS B 13 -22.73 -0.07 17.97
C LYS B 13 -22.34 -0.35 19.41
N ARG B 14 -22.30 0.67 20.28
CA ARG B 14 -21.94 0.42 21.67
C ARG B 14 -22.95 -0.48 22.36
N GLY B 15 -24.19 -0.48 21.90
CA GLY B 15 -25.12 -1.51 22.34
C GLY B 15 -24.68 -2.90 21.89
N ALA B 16 -24.20 -3.00 20.64
CA ALA B 16 -23.74 -4.28 20.13
C ALA B 16 -22.44 -4.71 20.78
N VAL B 17 -21.59 -3.75 21.18
CA VAL B 17 -20.36 -4.10 21.88
C VAL B 17 -20.66 -4.82 23.19
N ALA B 18 -21.63 -4.31 23.94
CA ALA B 18 -21.99 -4.94 25.21
C ALA B 18 -22.53 -6.35 25.00
N GLY B 19 -23.36 -6.53 23.98
CA GLY B 19 -23.83 -7.87 23.65
C GLY B 19 -22.69 -8.80 23.28
N TYR B 20 -21.65 -8.26 22.64
CA TYR B 20 -20.45 -9.06 22.39
C TYR B 20 -19.76 -9.42 23.70
N ALA B 21 -19.56 -8.42 24.57
CA ALA B 21 -18.82 -8.64 25.81
C ALA B 21 -19.57 -9.60 26.73
N VAL B 22 -20.90 -9.50 26.76
CA VAL B 22 -21.68 -10.38 27.62
C VAL B 22 -21.63 -11.81 27.10
N LEU B 23 -21.70 -11.99 25.77
CA LEU B 23 -21.72 -13.33 25.22
C LEU B 23 -20.34 -13.97 25.23
N THR B 24 -19.27 -13.19 25.00
CA THR B 24 -17.93 -13.78 25.03
C THR B 24 -17.55 -14.21 26.44
N LEU B 25 -17.96 -13.45 27.46
CA LEU B 25 -17.79 -13.92 28.83
C LEU B 25 -18.64 -15.15 29.09
N LEU B 26 -19.88 -15.15 28.59
CA LEU B 26 -20.75 -16.30 28.81
C LEU B 26 -20.19 -17.56 28.17
N SER B 27 -19.56 -17.43 27.00
CA SER B 27 -18.96 -18.59 26.35
C SER B 27 -17.77 -19.10 27.15
N VAL B 28 -16.97 -18.19 27.72
CA VAL B 28 -15.83 -18.62 28.53
C VAL B 28 -16.32 -19.42 29.73
N LEU B 29 -17.37 -18.93 30.40
CA LEU B 29 -17.92 -19.65 31.55
C LEU B 29 -18.47 -21.00 31.13
N LEU B 30 -19.17 -21.06 30.00
CA LEU B 30 -19.71 -22.33 29.55
C LEU B 30 -18.61 -23.30 29.15
N ARG B 31 -17.54 -22.81 28.53
CA ARG B 31 -16.43 -23.67 28.16
C ARG B 31 -15.70 -24.18 29.40
N ALA B 32 -15.45 -23.30 30.37
CA ALA B 32 -14.82 -23.76 31.61
C ALA B 32 -15.72 -24.73 32.36
N VAL B 33 -17.00 -24.41 32.48
CA VAL B 33 -17.93 -25.30 33.19
C VAL B 33 -18.09 -26.61 32.43
N GLY B 34 -18.04 -26.56 31.11
CA GLY B 34 -18.07 -27.79 30.34
C GLY B 34 -16.84 -28.65 30.57
N ALA B 35 -15.68 -28.00 30.69
CA ALA B 35 -14.45 -28.75 31.00
C ALA B 35 -14.52 -29.35 32.39
N VAL B 36 -14.90 -28.54 33.38
CA VAL B 36 -14.92 -28.98 34.76
C VAL B 36 -16.05 -29.97 35.01
N LEU B 37 -17.08 -29.99 34.16
CA LEU B 37 -18.17 -30.94 34.34
C LEU B 37 -17.74 -32.38 34.06
N LEU B 38 -16.55 -32.59 33.50
CA LEU B 38 -16.05 -33.96 33.34
C LEU B 38 -15.57 -34.55 34.66
N ILE B 39 -15.24 -33.73 35.64
CA ILE B 39 -14.73 -34.22 36.91
C ILE B 39 -15.84 -34.98 37.62
N PRO B 40 -17.01 -34.39 37.92
CA PRO B 40 -18.05 -35.20 38.57
C PRO B 40 -18.68 -36.20 37.64
N LEU B 41 -18.65 -35.96 36.33
CA LEU B 41 -19.22 -36.91 35.39
C LEU B 41 -18.48 -38.23 35.41
N LEU B 42 -17.14 -38.19 35.26
CA LEU B 42 -16.37 -39.43 35.28
C LEU B 42 -16.27 -39.99 36.69
N ALA B 43 -16.27 -39.13 37.71
CA ALA B 43 -16.29 -39.62 39.08
C ALA B 43 -17.54 -40.45 39.34
N ALA B 44 -18.67 -40.03 38.80
CA ALA B 44 -19.91 -40.80 38.90
C ALA B 44 -19.95 -41.94 37.89
N LEU B 45 -19.24 -41.79 36.76
CA LEU B 45 -19.22 -42.84 35.74
C LEU B 45 -18.42 -44.05 36.21
N PHE B 46 -17.31 -43.82 36.91
CA PHE B 46 -16.47 -44.89 37.41
C PHE B 46 -16.96 -45.48 38.73
N SER B 47 -17.92 -44.85 39.38
CA SER B 47 -18.41 -45.34 40.67
C SER B 47 -19.22 -46.60 40.47
N ASP B 48 -19.68 -47.18 41.60
CA ASP B 48 -20.47 -48.40 41.56
C ASP B 48 -21.87 -48.19 41.00
N THR B 49 -22.31 -46.95 40.78
CA THR B 49 -23.63 -46.63 40.23
C THR B 49 -23.45 -45.69 39.04
N PRO B 50 -23.14 -46.22 37.86
CA PRO B 50 -22.90 -45.32 36.70
C PRO B 50 -24.13 -44.56 36.24
N SER B 51 -25.33 -44.96 36.66
CA SER B 51 -26.53 -44.26 36.23
C SER B 51 -26.56 -42.80 36.69
N ASP B 52 -25.80 -42.44 37.73
CA ASP B 52 -25.71 -41.06 38.16
C ASP B 52 -24.93 -40.18 37.19
N ALA B 53 -24.28 -40.75 36.18
CA ALA B 53 -23.59 -39.97 35.17
C ALA B 53 -24.55 -39.18 34.28
N TRP B 54 -25.82 -39.58 34.22
CA TRP B 54 -26.77 -38.94 33.32
C TRP B 54 -26.98 -37.47 33.68
N LEU B 55 -27.05 -37.16 34.97
CA LEU B 55 -27.31 -35.80 35.41
C LEU B 55 -26.25 -34.84 34.89
N TRP B 56 -24.99 -35.24 34.96
CA TRP B 56 -23.92 -34.38 34.47
C TRP B 56 -23.82 -34.39 32.96
N LEU B 57 -24.17 -35.50 32.31
CA LEU B 57 -24.23 -35.50 30.85
C LEU B 57 -25.30 -34.55 30.36
N GLY B 58 -26.46 -34.55 31.00
CA GLY B 58 -27.50 -33.60 30.64
C GLY B 58 -27.05 -32.17 30.86
N TRP B 59 -26.39 -31.91 31.99
CA TRP B 59 -25.82 -30.58 32.20
C TRP B 59 -24.74 -30.28 31.18
N LEU B 60 -23.99 -31.30 30.76
CA LEU B 60 -22.95 -31.08 29.76
C LEU B 60 -23.56 -30.73 28.40
N THR B 61 -24.63 -31.40 28.02
CA THR B 61 -25.29 -31.08 26.75
C THR B 61 -25.87 -29.67 26.79
N ALA B 62 -26.49 -29.29 27.91
CA ALA B 62 -27.06 -27.95 28.01
C ALA B 62 -25.98 -26.89 27.95
N VAL B 63 -24.83 -27.15 28.58
CA VAL B 63 -23.75 -26.17 28.61
C VAL B 63 -23.12 -26.02 27.23
N THR B 64 -22.90 -27.14 26.52
CA THR B 64 -22.22 -27.06 25.22
C THR B 64 -23.12 -26.54 24.11
N LEU B 65 -24.39 -26.93 24.06
CA LEU B 65 -25.29 -26.38 23.04
C LEU B 65 -25.45 -24.88 23.26
N ALA B 66 -25.53 -24.46 24.52
CA ALA B 66 -25.56 -23.03 24.81
C ALA B 66 -24.24 -22.36 24.44
N GLY B 67 -23.15 -23.12 24.35
CA GLY B 67 -21.93 -22.61 23.81
C GLY B 67 -22.04 -22.28 22.33
N TRP B 68 -22.63 -23.20 21.56
CA TRP B 68 -22.77 -22.99 20.12
C TRP B 68 -23.61 -21.75 19.82
N VAL B 69 -24.73 -21.60 20.53
CA VAL B 69 -25.56 -20.41 20.36
C VAL B 69 -24.79 -19.16 20.71
N THR B 70 -24.02 -19.21 21.80
CA THR B 70 -23.25 -18.07 22.23
C THR B 70 -22.10 -17.78 21.26
N ASP B 71 -21.40 -18.82 20.81
CA ASP B 71 -20.22 -18.62 19.97
C ASP B 71 -20.61 -18.25 18.55
N THR B 72 -21.74 -18.75 18.06
CA THR B 72 -22.28 -18.29 16.79
C THR B 72 -22.71 -16.83 16.89
N ASN B 73 -23.41 -16.47 17.98
CA ASN B 73 -23.89 -15.10 18.13
C ASN B 73 -22.75 -14.11 18.32
N THR B 74 -21.76 -14.46 19.14
CA THR B 74 -20.62 -13.57 19.31
C THR B 74 -19.76 -13.51 18.05
N ALA B 75 -19.85 -14.51 17.18
CA ALA B 75 -19.18 -14.45 15.88
C ALA B 75 -19.90 -13.50 14.93
N ARG B 76 -21.24 -13.57 14.88
CA ARG B 76 -21.98 -12.60 14.10
C ARG B 76 -21.78 -11.19 14.63
N LEU B 77 -21.80 -11.02 15.95
CA LEU B 77 -21.57 -9.70 16.54
C LEU B 77 -20.15 -9.21 16.28
N GLY B 78 -19.17 -10.10 16.39
CA GLY B 78 -17.80 -9.71 16.08
C GLY B 78 -17.61 -9.38 14.61
N PHE B 79 -18.30 -10.12 13.74
CA PHE B 79 -18.25 -9.80 12.32
C PHE B 79 -18.83 -8.42 12.04
N ASP B 80 -20.01 -8.12 12.62
CA ASP B 80 -20.60 -6.80 12.43
C ASP B 80 -19.71 -5.72 13.00
N LEU B 81 -19.20 -5.91 14.22
CA LEU B 81 -18.40 -4.89 14.87
C LEU B 81 -17.09 -4.67 14.12
N GLY B 82 -16.50 -5.74 13.60
CA GLY B 82 -15.29 -5.58 12.79
C GLY B 82 -15.56 -4.80 11.52
N PHE B 83 -16.65 -5.12 10.83
CA PHE B 83 -16.97 -4.40 9.60
C PHE B 83 -17.58 -3.04 9.88
N ALA B 84 -18.29 -2.89 11.00
CA ALA B 84 -18.75 -1.56 11.39
C ALA B 84 -17.59 -0.65 11.73
N VAL B 85 -16.57 -1.19 12.41
CA VAL B 85 -15.35 -0.42 12.64
C VAL B 85 -14.62 -0.17 11.33
N LEU B 86 -14.61 -1.17 10.44
CA LEU B 86 -13.94 -1.02 9.15
C LEU B 86 -14.60 0.08 8.32
N SER B 87 -15.92 0.02 8.16
CA SER B 87 -16.61 1.04 7.40
C SER B 87 -16.50 2.41 8.08
N ARG B 88 -16.69 2.44 9.39
CA ARG B 88 -16.69 3.71 10.11
C ARG B 88 -15.31 4.38 10.05
N THR B 89 -14.26 3.63 10.40
CA THR B 89 -12.92 4.21 10.39
C THR B 89 -12.50 4.62 8.98
N GLN B 90 -12.82 3.79 7.99
CA GLN B 90 -12.40 4.11 6.62
C GLN B 90 -13.13 5.34 6.09
N HIS B 91 -14.44 5.45 6.34
CA HIS B 91 -15.17 6.62 5.86
C HIS B 91 -14.74 7.88 6.60
N ASP B 92 -14.38 7.76 7.88
CA ASP B 92 -13.86 8.91 8.61
C ASP B 92 -12.50 9.34 8.09
N MET B 93 -11.66 8.37 7.70
CA MET B 93 -10.39 8.72 7.07
C MET B 93 -10.62 9.33 5.69
N ALA B 94 -11.60 8.80 4.94
CA ALA B 94 -11.90 9.34 3.62
C ALA B 94 -12.54 10.72 3.71
N ASP B 95 -13.33 10.98 4.74
CA ASP B 95 -13.90 12.31 4.93
C ASP B 95 -12.89 13.30 5.51
N ARG B 96 -12.03 12.83 6.42
CA ARG B 96 -11.11 13.74 7.10
C ARG B 96 -9.95 14.13 6.21
N LEU B 97 -9.44 13.20 5.40
CA LEU B 97 -8.23 13.45 4.63
C LEU B 97 -8.36 14.64 3.69
N PRO B 98 -9.46 14.84 2.96
CA PRO B 98 -9.61 16.08 2.19
C PRO B 98 -9.65 17.35 3.02
N ASN B 99 -9.89 17.24 4.34
CA ASN B 99 -9.88 18.40 5.22
C ASN B 99 -8.60 18.57 6.02
N VAL B 100 -7.68 17.58 5.97
CA VAL B 100 -6.44 17.68 6.74
C VAL B 100 -5.56 18.79 6.17
N ALA B 101 -4.85 19.48 7.05
CA ALA B 101 -3.93 20.51 6.59
C ALA B 101 -2.86 19.90 5.70
N MET B 102 -2.47 20.65 4.66
CA MET B 102 -1.48 20.12 3.72
C MET B 102 -0.15 19.85 4.39
N SER B 103 0.18 20.60 5.44
CA SER B 103 1.43 20.39 6.16
C SER B 103 1.52 19.00 6.78
N TRP B 104 0.38 18.33 7.00
CA TRP B 104 0.40 17.02 7.61
C TRP B 104 0.96 15.93 6.69
N PHE B 105 1.01 16.19 5.39
CA PHE B 105 1.42 15.17 4.41
C PHE B 105 2.94 15.20 4.22
N THR B 106 3.64 14.76 5.26
CA THR B 106 5.05 14.46 5.18
C THR B 106 5.25 13.09 4.53
N PRO B 107 6.47 12.77 4.08
CA PRO B 107 6.68 11.43 3.51
C PRO B 107 6.37 10.29 4.47
N ASP B 108 6.60 10.49 5.77
CA ASP B 108 6.24 9.47 6.74
C ASP B 108 4.73 9.39 6.94
N ASN B 109 4.07 10.54 7.09
CA ASN B 109 2.62 10.56 7.30
C ASN B 109 1.88 10.04 6.07
N THR B 110 2.37 10.38 4.88
CA THR B 110 1.75 9.87 3.67
C THR B 110 1.85 8.35 3.59
N ALA B 111 2.97 7.80 4.04
CA ALA B 111 3.08 6.34 4.17
C ALA B 111 2.10 5.82 5.21
N THR B 112 1.94 6.55 6.31
CA THR B 112 0.98 6.14 7.34
C THR B 112 -0.44 6.14 6.80
N ALA B 113 -0.81 7.20 6.07
CA ALA B 113 -2.14 7.26 5.49
C ALA B 113 -2.33 6.16 4.45
N ARG B 114 -1.32 5.91 3.62
CA ARG B 114 -1.42 4.84 2.65
C ARG B 114 -1.53 3.48 3.33
N GLN B 115 -0.73 3.27 4.38
CA GLN B 115 -0.82 2.00 5.13
C GLN B 115 -2.16 1.87 5.84
N ALA B 116 -2.62 2.95 6.48
CA ALA B 116 -3.90 2.91 7.16
C ALA B 116 -5.04 2.65 6.19
N ILE B 117 -5.02 3.31 5.04
CA ILE B 117 -6.01 3.06 4.00
C ILE B 117 -5.83 1.65 3.43
N ALA B 118 -4.58 1.18 3.33
CA ALA B 118 -4.31 -0.16 2.84
C ALA B 118 -4.76 -1.26 3.79
N ALA B 119 -5.12 -0.92 5.03
CA ALA B 119 -5.66 -1.89 5.97
C ALA B 119 -7.12 -2.21 5.71
N THR B 120 -7.72 -1.71 4.62
CA THR B 120 -9.11 -2.01 4.31
C THR B 120 -9.34 -3.47 4.00
N GLY B 121 -8.28 -4.24 3.73
CA GLY B 121 -8.41 -5.64 3.39
C GLY B 121 -9.08 -6.47 4.47
N PRO B 122 -9.21 -7.78 4.22
CA PRO B 122 -9.91 -8.64 5.18
C PRO B 122 -9.21 -8.77 6.52
N GLU B 123 -7.93 -8.41 6.61
CA GLU B 123 -7.19 -8.58 7.86
C GLU B 123 -7.74 -7.68 8.97
N LEU B 124 -8.02 -6.43 8.66
CA LEU B 124 -8.60 -5.51 9.64
C LEU B 124 -10.08 -5.77 9.86
N ALA B 125 -10.79 -6.21 8.81
CA ALA B 125 -12.21 -6.52 8.97
C ALA B 125 -12.40 -7.69 9.92
N GLY B 126 -11.54 -8.70 9.84
CA GLY B 126 -11.61 -9.84 10.73
C GLY B 126 -10.77 -9.65 11.99
N LEU B 127 -10.76 -8.43 12.51
CA LEU B 127 -10.04 -8.16 13.76
C LEU B 127 -10.68 -8.86 14.94
N VAL B 128 -11.98 -8.67 15.12
CA VAL B 128 -12.65 -9.20 16.31
C VAL B 128 -12.74 -10.72 16.25
N VAL B 129 -13.08 -11.26 15.08
CA VAL B 129 -13.30 -12.70 14.97
C VAL B 129 -11.98 -13.46 15.09
N ASN B 130 -10.93 -12.96 14.45
CA ASN B 130 -9.68 -13.71 14.33
C ASN B 130 -8.71 -13.46 15.47
N LEU B 131 -8.78 -12.31 16.13
CA LEU B 131 -7.84 -11.96 17.19
C LEU B 131 -8.50 -11.84 18.56
N LEU B 132 -9.47 -10.93 18.72
CA LEU B 132 -9.92 -10.59 20.07
C LEU B 132 -10.80 -11.68 20.67
N THR B 133 -11.66 -12.29 19.87
CA THR B 133 -12.49 -13.39 20.37
C THR B 133 -11.62 -14.55 20.86
N PRO B 134 -10.66 -15.07 20.09
CA PRO B 134 -9.80 -16.13 20.64
C PRO B 134 -8.79 -15.62 21.67
N LEU B 135 -8.37 -14.37 21.61
CA LEU B 135 -7.47 -13.85 22.64
C LEU B 135 -8.17 -13.78 23.98
N ILE B 136 -9.38 -13.23 24.01
CA ILE B 136 -10.14 -13.15 25.25
C ILE B 136 -10.52 -14.55 25.72
N GLY B 137 -10.87 -15.43 24.78
CA GLY B 137 -11.19 -16.80 25.16
C GLY B 137 -10.02 -17.52 25.81
N ALA B 138 -8.83 -17.37 25.23
CA ALA B 138 -7.65 -18.05 25.76
C ALA B 138 -7.10 -17.37 27.00
N ALA B 139 -7.30 -16.06 27.13
CA ALA B 139 -6.79 -15.36 28.31
C ALA B 139 -7.60 -15.70 29.55
N LEU B 140 -8.91 -15.89 29.40
CA LEU B 140 -9.81 -16.07 30.54
C LEU B 140 -10.17 -17.51 30.82
N LEU B 141 -10.08 -18.40 29.83
CA LEU B 141 -10.47 -19.79 30.07
C LEU B 141 -9.60 -20.47 31.13
N PRO B 142 -8.28 -20.30 31.16
CA PRO B 142 -7.53 -20.84 32.31
C PRO B 142 -7.98 -20.27 33.64
N ALA B 143 -8.30 -18.97 33.69
CA ALA B 143 -8.82 -18.38 34.90
C ALA B 143 -10.21 -18.92 35.23
N ALA B 144 -11.05 -19.08 34.21
CA ALA B 144 -12.38 -19.62 34.44
C ALA B 144 -12.32 -21.09 34.88
N ILE B 145 -11.43 -21.87 34.29
CA ILE B 145 -11.28 -23.25 34.72
C ILE B 145 -10.77 -23.31 36.15
N GLY B 146 -9.91 -22.36 36.54
CA GLY B 146 -9.46 -22.31 37.91
C GLY B 146 -10.60 -22.01 38.87
N VAL B 147 -11.42 -21.02 38.55
CA VAL B 147 -12.53 -20.67 39.43
C VAL B 147 -13.56 -21.79 39.47
N ALA B 148 -13.75 -22.47 38.35
CA ALA B 148 -14.68 -23.59 38.31
C ALA B 148 -14.19 -24.78 39.13
N LEU B 149 -12.89 -24.89 39.38
CA LEU B 149 -12.34 -25.97 40.18
C LEU B 149 -12.44 -25.70 41.68
N LEU B 150 -12.75 -24.48 42.10
CA LEU B 150 -12.97 -24.22 43.52
C LEU B 150 -14.19 -24.95 44.06
N PHE B 151 -15.12 -25.35 43.19
CA PHE B 151 -16.23 -26.16 43.63
C PHE B 151 -15.82 -27.61 43.86
N VAL B 152 -14.80 -28.08 43.15
CA VAL B 152 -14.29 -29.44 43.37
C VAL B 152 -13.35 -29.46 44.56
N SER B 153 -12.29 -28.65 44.51
CA SER B 153 -11.36 -28.57 45.63
C SER B 153 -10.68 -27.21 45.60
N VAL B 154 -10.78 -26.49 46.73
CA VAL B 154 -10.20 -25.15 46.82
C VAL B 154 -8.69 -25.15 46.59
N PRO B 155 -7.90 -26.03 47.20
CA PRO B 155 -6.45 -26.00 46.91
C PRO B 155 -6.12 -26.24 45.45
N LEU B 156 -6.91 -27.06 44.75
CA LEU B 156 -6.65 -27.29 43.34
C LEU B 156 -7.05 -26.10 42.49
N GLY B 157 -8.17 -25.45 42.83
CA GLY B 157 -8.55 -24.25 42.09
C GLY B 157 -7.55 -23.13 42.27
N LEU B 158 -6.94 -23.05 43.44
CA LEU B 158 -5.91 -22.04 43.67
C LEU B 158 -4.63 -22.36 42.90
N ALA B 159 -4.32 -23.65 42.76
CA ALA B 159 -3.17 -24.04 41.95
C ALA B 159 -3.33 -23.61 40.49
N ALA B 160 -4.53 -23.79 39.94
CA ALA B 160 -4.77 -23.36 38.57
C ALA B 160 -4.66 -21.85 38.44
N LEU B 161 -5.19 -21.10 39.41
CA LEU B 161 -5.07 -19.65 39.39
C LEU B 161 -3.62 -19.21 39.51
N ALA B 162 -2.80 -19.99 40.21
CA ALA B 162 -1.37 -19.71 40.23
C ALA B 162 -0.78 -19.86 38.84
N GLY B 163 -1.17 -20.91 38.12
CA GLY B 163 -0.73 -21.08 36.74
C GLY B 163 -1.25 -20.00 35.82
N VAL B 164 -2.43 -19.43 36.13
CA VAL B 164 -2.95 -18.30 35.36
C VAL B 164 -2.05 -17.08 35.52
N ALA B 165 -1.63 -16.79 36.75
CA ALA B 165 -0.76 -15.66 36.99
C ALA B 165 0.56 -15.80 36.24
N VAL B 166 1.07 -17.03 36.17
CA VAL B 166 2.26 -17.30 35.36
C VAL B 166 1.97 -16.99 33.89
N LEU B 167 0.77 -17.35 33.41
CA LEU B 167 0.43 -17.12 32.01
C LEU B 167 0.41 -15.63 31.70
N PHE B 168 -0.28 -14.84 32.52
CA PHE B 168 -0.36 -13.41 32.25
C PHE B 168 1.00 -12.75 32.42
N GLY B 169 1.83 -13.28 33.30
CA GLY B 169 3.20 -12.80 33.40
C GLY B 169 3.99 -13.08 32.12
N ALA B 170 3.88 -14.30 31.59
CA ALA B 170 4.57 -14.63 30.35
C ALA B 170 4.02 -13.81 29.19
N LEU B 171 2.70 -13.61 29.16
CA LEU B 171 2.10 -12.79 28.10
C LEU B 171 2.60 -11.36 28.17
N ALA B 172 2.70 -10.79 29.38
CA ALA B 172 3.20 -9.42 29.50
C ALA B 172 4.67 -9.34 29.09
N LEU B 173 5.47 -10.33 29.49
CA LEU B 173 6.90 -10.28 29.21
C LEU B 173 7.19 -10.52 27.73
N SER B 174 6.45 -11.43 27.09
CA SER B 174 6.69 -11.74 25.68
C SER B 174 6.48 -10.51 24.81
N GLY B 175 5.41 -9.76 25.06
CA GLY B 175 5.22 -8.51 24.36
C GLY B 175 6.30 -7.49 24.69
N ARG B 176 6.81 -7.52 25.93
CA ARG B 176 7.81 -6.54 26.33
C ARG B 176 9.13 -6.76 25.60
N LEU B 177 9.52 -8.03 25.43
CA LEU B 177 10.81 -8.33 24.80
C LEU B 177 10.78 -8.03 23.31
N SER B 178 9.72 -8.44 22.63
CA SER B 178 9.64 -8.37 21.18
C SER B 178 9.18 -7.01 20.67
N ARG B 179 8.78 -6.09 21.54
CA ARG B 179 8.22 -4.82 21.07
C ARG B 179 9.28 -3.95 20.44
N ALA B 180 10.51 -3.97 20.96
CA ALA B 180 11.56 -3.13 20.39
C ALA B 180 11.91 -3.56 18.98
N ALA B 181 11.97 -4.87 18.73
CA ALA B 181 12.26 -5.38 17.40
C ALA B 181 11.07 -5.30 16.47
N ASP B 182 9.85 -5.43 16.99
CA ASP B 182 8.67 -5.38 16.15
C ASP B 182 8.43 -3.98 15.61
N LYS B 183 8.80 -2.95 16.38
CA LYS B 183 8.71 -1.59 15.87
C LYS B 183 9.63 -1.39 14.67
N VAL B 184 10.86 -1.89 14.77
CA VAL B 184 11.84 -1.69 13.70
C VAL B 184 11.44 -2.48 12.47
N ALA B 185 10.86 -3.66 12.66
CA ALA B 185 10.39 -4.45 11.52
C ALA B 185 9.30 -3.70 10.75
N GLY B 186 8.39 -3.06 11.49
CA GLY B 186 7.35 -2.27 10.83
C GLY B 186 7.90 -1.04 10.12
N GLU B 187 8.85 -0.36 10.75
CA GLU B 187 9.45 0.81 10.11
C GLU B 187 10.18 0.44 8.83
N THR B 188 10.95 -0.65 8.86
CA THR B 188 11.70 -1.06 7.68
C THR B 188 10.79 -1.58 6.58
N ASN B 189 9.70 -2.25 6.95
CA ASN B 189 8.75 -2.73 5.96
C ASN B 189 7.97 -1.57 5.34
N SER B 190 7.63 -0.55 6.13
CA SER B 190 6.96 0.63 5.59
C SER B 190 7.84 1.37 4.61
N ALA B 191 9.12 1.56 4.95
CA ALA B 191 10.04 2.25 4.05
C ALA B 191 10.23 1.46 2.76
N PHE B 192 10.25 0.14 2.85
CA PHE B 192 10.39 -0.69 1.65
C PHE B 192 9.21 -0.51 0.73
N THR B 193 8.00 -0.41 1.28
CA THR B 193 6.81 -0.16 0.47
C THR B 193 6.92 1.19 -0.24
N GLU B 194 7.31 2.23 0.48
CA GLU B 194 7.38 3.57 -0.11
C GLU B 194 8.44 3.63 -1.21
N ARG B 195 9.49 2.82 -1.08
CA ARG B 195 10.55 2.82 -2.09
C ARG B 195 10.18 1.99 -3.31
N ILE B 196 9.35 0.96 -3.15
CA ILE B 196 8.82 0.26 -4.33
C ILE B 196 7.97 1.22 -5.15
N ILE B 197 7.16 2.03 -4.48
CA ILE B 197 6.28 2.96 -5.18
C ILE B 197 7.10 4.02 -5.90
N GLU B 198 8.13 4.54 -5.24
CA GLU B 198 9.05 5.45 -5.91
C GLU B 198 9.77 4.75 -7.05
N PHE B 199 10.16 3.50 -6.85
CA PHE B 199 10.86 2.75 -7.88
C PHE B 199 10.01 2.60 -9.14
N ALA B 200 8.72 2.30 -8.97
CA ALA B 200 7.85 2.13 -10.13
C ALA B 200 7.46 3.47 -10.75
N ARG B 201 7.32 4.51 -9.93
CA ARG B 201 6.92 5.81 -10.45
C ARG B 201 8.07 6.54 -11.13
N THR B 202 9.28 6.35 -10.66
CA THR B 202 10.45 7.10 -11.12
C THR B 202 11.38 6.22 -11.95
N GLN B 203 10.80 5.28 -12.71
CA GLN B 203 11.60 4.33 -13.48
C GLN B 203 12.46 5.04 -14.51
N GLN B 204 11.92 6.07 -15.15
CA GLN B 204 12.66 6.79 -16.18
C GLN B 204 13.93 7.40 -15.62
N ALA B 205 13.82 8.16 -14.53
CA ALA B 205 14.97 8.87 -14.00
C ALA B 205 15.98 7.92 -13.39
N LEU B 206 15.51 6.86 -12.70
CA LEU B 206 16.44 5.91 -12.10
C LEU B 206 17.24 5.18 -13.16
N ARG B 207 16.58 4.73 -14.22
CA ARG B 207 17.26 3.95 -15.26
C ARG B 207 18.34 4.76 -15.93
N ALA B 208 18.06 6.04 -16.23
CA ALA B 208 19.08 6.89 -16.83
C ALA B 208 20.25 7.09 -15.88
N ALA B 209 19.99 7.13 -14.57
CA ALA B 209 21.03 7.29 -13.55
C ALA B 209 21.60 5.97 -13.07
N ARG B 210 21.16 4.84 -13.63
CA ARG B 210 21.70 3.51 -13.34
C ARG B 210 21.48 3.08 -11.89
N ARG B 211 20.56 3.73 -11.17
CA ARG B 211 20.24 3.41 -9.79
C ARG B 211 19.05 2.47 -9.70
N VAL B 212 18.94 1.54 -10.65
CA VAL B 212 17.76 0.71 -10.82
C VAL B 212 18.03 -0.71 -10.34
N GLU B 213 19.26 -1.19 -10.50
CA GLU B 213 19.58 -2.55 -10.08
C GLU B 213 19.62 -2.62 -8.54
N PRO B 214 19.27 -3.77 -7.95
CA PRO B 214 19.20 -3.84 -6.48
C PRO B 214 20.53 -3.60 -5.78
N ALA B 215 21.65 -3.79 -6.46
CA ALA B 215 22.94 -3.50 -5.83
C ALA B 215 23.11 -2.00 -5.59
N ARG B 216 22.64 -1.18 -6.52
CA ARG B 216 22.80 0.28 -6.45
C ARG B 216 21.50 1.03 -6.15
N SER B 217 20.35 0.39 -6.23
CA SER B 217 19.09 1.09 -6.04
C SER B 217 18.78 1.29 -4.57
N GLN B 218 18.02 2.35 -4.27
CA GLN B 218 17.57 2.58 -2.90
C GLN B 218 16.52 1.57 -2.48
N VAL B 219 15.71 1.08 -3.43
CA VAL B 219 14.79 -0.01 -3.11
C VAL B 219 15.57 -1.27 -2.76
N GLY B 220 16.69 -1.51 -3.43
CA GLY B 220 17.50 -2.67 -3.11
C GLY B 220 18.10 -2.59 -1.72
N SER B 221 18.55 -1.40 -1.32
CA SER B 221 19.02 -1.21 0.05
C SER B 221 17.90 -1.42 1.05
N ALA B 222 16.72 -0.88 0.76
CA ALA B 222 15.58 -1.03 1.66
C ALA B 222 15.21 -2.50 1.82
N LEU B 223 15.36 -3.28 0.77
CA LEU B 223 15.13 -4.72 0.86
C LEU B 223 16.16 -5.38 1.77
N ALA B 224 17.39 -4.86 1.76
CA ALA B 224 18.41 -5.40 2.67
C ALA B 224 18.10 -5.05 4.12
N ALA B 225 17.76 -3.78 4.39
CA ALA B 225 17.39 -3.39 5.74
C ALA B 225 16.10 -4.07 6.17
N GLN B 226 15.14 -4.19 5.27
CA GLN B 226 13.90 -4.89 5.58
C GLN B 226 14.16 -6.35 5.90
N HIS B 227 15.13 -6.96 5.23
CA HIS B 227 15.48 -8.34 5.52
C HIS B 227 16.22 -8.46 6.85
N GLY B 228 17.11 -7.50 7.14
CA GLY B 228 17.84 -7.55 8.40
C GLY B 228 16.91 -7.41 9.59
N ALA B 229 15.99 -6.46 9.53
CA ALA B 229 15.01 -6.30 10.60
C ALA B 229 14.03 -7.47 10.64
N GLY B 230 13.70 -8.04 9.49
CA GLY B 230 12.82 -9.20 9.49
C GLY B 230 13.41 -10.40 10.19
N LEU B 231 14.71 -10.66 9.96
CA LEU B 231 15.36 -11.78 10.62
C LEU B 231 15.61 -11.50 12.09
N ARG B 232 15.94 -10.24 12.43
CA ARG B 232 16.16 -9.88 13.83
C ARG B 232 14.88 -10.09 14.64
N LEU B 233 13.73 -9.74 14.06
CA LEU B 233 12.46 -9.96 14.75
C LEU B 233 12.20 -11.45 14.95
N LEU B 234 12.56 -12.28 13.98
CA LEU B 234 12.38 -13.72 14.12
C LEU B 234 13.23 -14.27 15.27
N THR B 235 14.42 -13.69 15.48
CA THR B 235 15.29 -14.15 16.55
C THR B 235 14.86 -13.57 17.89
N MET B 236 14.49 -12.29 17.93
CA MET B 236 14.10 -11.63 19.18
C MET B 236 12.74 -12.08 19.67
N GLN B 237 11.97 -12.82 18.86
CA GLN B 237 10.78 -13.50 19.33
C GLN B 237 11.08 -14.87 19.93
N ILE B 238 12.34 -15.29 19.97
CA ILE B 238 12.68 -16.54 20.65
C ILE B 238 12.39 -16.48 22.14
N PRO B 239 12.75 -15.41 22.87
CA PRO B 239 12.36 -15.33 24.28
C PRO B 239 10.87 -15.48 24.51
N GLY B 240 10.04 -14.90 23.64
CA GLY B 240 8.60 -15.02 23.84
C GLY B 240 8.13 -16.45 23.74
N GLN B 241 8.61 -17.19 22.73
CA GLN B 241 8.21 -18.57 22.58
C GLN B 241 8.74 -19.44 23.71
N VAL B 242 9.98 -19.20 24.14
CA VAL B 242 10.54 -19.93 25.27
C VAL B 242 9.75 -19.65 26.54
N LEU B 243 9.41 -18.37 26.76
CA LEU B 243 8.76 -18.00 28.01
C LEU B 243 7.35 -18.58 28.08
N PHE B 244 6.63 -18.62 26.97
CA PHE B 244 5.33 -19.28 26.97
C PHE B 244 5.49 -20.77 27.21
N SER B 245 6.52 -21.39 26.62
CA SER B 245 6.74 -22.82 26.83
C SER B 245 7.08 -23.11 28.28
N LEU B 246 7.88 -22.26 28.91
CA LEU B 246 8.14 -22.43 30.34
C LEU B 246 6.87 -22.24 31.15
N ALA B 247 6.05 -21.24 30.79
CA ALA B 247 4.80 -21.02 31.50
C ALA B 247 3.87 -22.21 31.36
N GLY B 248 3.78 -22.76 30.16
CA GLY B 248 2.97 -23.96 29.96
C GLY B 248 3.48 -25.14 30.76
N GLN B 249 4.81 -25.25 30.89
CA GLN B 249 5.39 -26.35 31.67
C GLN B 249 5.26 -26.10 33.17
N VAL B 250 5.48 -24.85 33.61
CA VAL B 250 5.35 -24.53 35.02
C VAL B 250 3.94 -24.79 35.51
N ALA B 251 2.94 -24.38 34.71
CA ALA B 251 1.55 -24.63 35.07
C ALA B 251 1.24 -26.12 35.07
N LEU B 252 1.82 -26.88 34.14
CA LEU B 252 1.61 -28.32 34.12
C LEU B 252 2.12 -28.96 35.40
N ILE B 253 3.30 -28.56 35.86
CA ILE B 253 3.86 -29.11 37.10
C ILE B 253 3.01 -28.69 38.29
N GLY B 254 2.61 -27.42 38.34
CA GLY B 254 1.79 -26.97 39.46
C GLY B 254 0.45 -27.68 39.51
N PHE B 255 -0.26 -27.73 38.39
CA PHE B 255 -1.57 -28.38 38.34
C PHE B 255 -1.42 -29.88 38.57
N ALA B 256 -0.43 -30.51 37.93
CA ALA B 256 -0.24 -31.95 38.10
C ALA B 256 0.29 -32.28 39.49
N GLY B 257 1.15 -31.44 40.03
CA GLY B 257 1.65 -31.68 41.38
C GLY B 257 0.54 -31.61 42.42
N MET B 258 -0.29 -30.57 42.34
CA MET B 258 -1.35 -30.42 43.32
C MET B 258 -2.43 -31.48 43.15
N ALA B 259 -2.57 -32.04 41.95
CA ALA B 259 -3.50 -33.14 41.76
C ALA B 259 -3.00 -34.41 42.44
N VAL B 260 -1.70 -34.71 42.30
CA VAL B 260 -1.18 -35.91 42.93
C VAL B 260 -1.03 -35.74 44.44
N TRP B 261 -0.70 -34.53 44.91
CA TRP B 261 -0.65 -34.30 46.35
C TRP B 261 -2.02 -34.51 46.98
N LEU B 262 -3.07 -34.09 46.30
CA LEU B 262 -4.42 -34.34 46.79
C LEU B 262 -4.83 -35.79 46.62
N THR B 263 -4.38 -36.44 45.53
CA THR B 263 -4.82 -37.80 45.26
C THR B 263 -4.24 -38.79 46.25
N VAL B 264 -2.95 -38.68 46.55
CA VAL B 264 -2.32 -39.60 47.50
C VAL B 264 -2.91 -39.42 48.89
N ARG B 265 -3.24 -38.18 49.25
CA ARG B 265 -3.82 -37.89 50.56
C ARG B 265 -5.30 -38.22 50.64
N GLY B 266 -5.92 -38.69 49.55
CA GLY B 266 -7.30 -39.11 49.58
C GLY B 266 -8.32 -38.00 49.40
N GLN B 267 -7.88 -36.74 49.29
CA GLN B 267 -8.84 -35.65 49.09
C GLN B 267 -9.48 -35.72 47.71
N LEU B 268 -8.80 -36.33 46.75
CA LEU B 268 -9.32 -36.56 45.40
C LEU B 268 -9.26 -38.04 45.09
N GLY B 269 -10.36 -38.59 44.61
CA GLY B 269 -10.38 -39.97 44.18
C GLY B 269 -9.54 -40.15 42.93
N VAL B 270 -9.30 -41.41 42.57
CA VAL B 270 -8.57 -41.70 41.34
C VAL B 270 -9.32 -41.21 40.11
N PRO B 271 -10.62 -41.48 39.92
CA PRO B 271 -11.30 -40.96 38.72
C PRO B 271 -11.32 -39.46 38.62
N GLU B 272 -11.41 -38.73 39.72
CA GLU B 272 -11.30 -37.28 39.66
C GLU B 272 -9.93 -36.86 39.16
N ALA B 273 -8.88 -37.58 39.57
CA ALA B 273 -7.54 -37.29 39.08
C ALA B 273 -7.41 -37.58 37.60
N ILE B 274 -8.00 -38.68 37.13
CA ILE B 274 -7.93 -39.02 35.70
C ILE B 274 -8.70 -37.99 34.88
N ALA B 275 -9.88 -37.58 35.35
CA ALA B 275 -10.63 -36.53 34.67
C ALA B 275 -9.84 -35.23 34.65
N LEU B 276 -9.09 -34.96 35.72
CA LEU B 276 -8.27 -33.76 35.76
C LEU B 276 -7.13 -33.79 34.76
N ILE B 277 -6.75 -34.97 34.25
CA ILE B 277 -5.79 -34.99 33.16
C ILE B 277 -6.40 -34.33 31.93
N VAL B 278 -7.65 -34.65 31.62
CA VAL B 278 -8.31 -34.03 30.47
C VAL B 278 -8.57 -32.56 30.73
N VAL B 279 -8.96 -32.20 31.95
CA VAL B 279 -9.15 -30.80 32.28
C VAL B 279 -7.82 -30.05 32.22
N LEU B 280 -6.74 -30.73 32.59
CA LEU B 280 -5.42 -30.13 32.45
C LEU B 280 -5.10 -29.84 30.98
N VAL B 281 -5.43 -30.79 30.09
CA VAL B 281 -5.18 -30.59 28.67
C VAL B 281 -5.99 -29.42 28.15
N ARG B 282 -7.27 -29.36 28.50
CA ARG B 282 -8.10 -28.21 28.13
C ARG B 282 -7.55 -26.93 28.73
N TYR B 283 -7.05 -27.02 29.97
CA TYR B 283 -6.48 -25.88 30.66
C TYR B 283 -5.16 -25.43 30.04
N LEU B 284 -4.43 -26.35 29.40
CA LEU B 284 -3.13 -26.03 28.83
C LEU B 284 -3.19 -25.54 27.39
N GLU B 285 -4.28 -25.82 26.69
CA GLU B 285 -4.41 -25.34 25.31
C GLU B 285 -4.37 -23.82 25.19
N PRO B 286 -5.04 -23.03 26.06
CA PRO B 286 -4.90 -21.58 25.95
C PRO B 286 -3.48 -21.06 26.12
N PHE B 287 -2.59 -21.82 26.75
CA PHE B 287 -1.21 -21.37 26.85
C PHE B 287 -0.54 -21.34 25.48
N ALA B 288 -0.77 -22.36 24.65
CA ALA B 288 -0.18 -22.38 23.32
C ALA B 288 -0.89 -21.42 22.38
N ALA B 289 -2.22 -21.31 22.50
CA ALA B 289 -2.97 -20.41 21.64
C ALA B 289 -2.54 -18.96 21.84
N ILE B 290 -2.32 -18.56 23.09
CA ILE B 290 -1.87 -17.20 23.38
C ILE B 290 -0.52 -16.95 22.72
N ALA B 291 0.33 -17.97 22.64
CA ALA B 291 1.61 -17.82 21.97
C ALA B 291 1.44 -17.59 20.48
N ASP B 292 0.44 -18.24 19.86
CA ASP B 292 0.17 -18.02 18.44
C ASP B 292 -0.47 -16.66 18.19
N LEU B 293 -1.31 -16.18 19.12
CA LEU B 293 -1.97 -14.89 18.97
C LEU B 293 -1.15 -13.71 19.46
N ALA B 294 -0.12 -13.96 20.27
CA ALA B 294 0.67 -12.85 20.80
C ALA B 294 1.38 -12.04 19.71
N PRO B 295 2.05 -12.64 18.71
CA PRO B 295 2.64 -11.82 17.64
C PRO B 295 1.63 -10.95 16.90
N ALA B 296 0.43 -11.48 16.63
CA ALA B 296 -0.58 -10.72 15.91
C ALA B 296 -1.06 -9.51 16.70
N LEU B 297 -0.94 -9.57 18.02
CA LEU B 297 -1.39 -8.46 18.85
C LEU B 297 -0.56 -7.21 18.62
N GLU B 298 0.75 -7.37 18.41
CA GLU B 298 1.63 -6.20 18.24
C GLU B 298 1.48 -5.59 16.85
N THR B 299 1.26 -6.41 15.82
CA THR B 299 0.99 -5.86 14.49
C THR B 299 -0.31 -5.09 14.48
N THR B 300 -1.37 -5.66 15.05
CA THR B 300 -2.67 -5.00 15.09
C THR B 300 -2.60 -3.72 15.93
N ARG B 301 -1.81 -3.74 17.01
CA ARG B 301 -1.63 -2.52 17.79
C ARG B 301 -0.99 -1.42 16.94
N ALA B 302 -0.03 -1.79 16.09
CA ALA B 302 0.56 -0.81 15.18
C ALA B 302 -0.45 -0.36 14.13
N THR B 303 -1.27 -1.28 13.63
CA THR B 303 -2.24 -0.94 12.59
C THR B 303 -3.26 0.06 13.10
N LEU B 304 -3.87 -0.22 14.25
CA LEU B 304 -4.83 0.72 14.82
C LEU B 304 -4.17 2.02 15.22
N ASN B 305 -2.87 1.99 15.52
CA ASN B 305 -2.16 3.23 15.82
C ASN B 305 -1.99 4.07 14.56
N ARG B 306 -1.83 3.43 13.40
CA ARG B 306 -1.77 4.18 12.15
C ARG B 306 -3.12 4.80 11.82
N ILE B 307 -4.20 4.01 11.93
CA ILE B 307 -5.54 4.54 11.69
C ILE B 307 -5.86 5.67 12.66
N GLN B 308 -5.55 5.48 13.93
CA GLN B 308 -5.79 6.52 14.92
C GLN B 308 -4.94 7.75 14.64
N ALA B 309 -3.74 7.56 14.06
CA ALA B 309 -2.93 8.71 13.69
C ALA B 309 -3.61 9.53 12.60
N VAL B 310 -4.22 8.87 11.63
CA VAL B 310 -4.92 9.58 10.57
C VAL B 310 -6.10 10.35 11.15
N LEU B 311 -6.89 9.68 11.98
CA LEU B 311 -8.11 10.30 12.50
C LEU B 311 -7.80 11.47 13.44
N ASP B 312 -6.63 11.47 14.06
CA ASP B 312 -6.20 12.56 14.93
C ASP B 312 -5.47 13.66 14.17
N ALA B 313 -5.42 13.59 12.84
CA ALA B 313 -4.70 14.58 12.06
C ALA B 313 -5.41 15.93 12.14
N PRO B 314 -4.67 17.03 12.03
CA PRO B 314 -5.27 18.35 12.27
C PRO B 314 -6.05 18.84 11.05
N THR B 315 -7.38 18.79 11.15
CA THR B 315 -8.21 19.26 10.05
C THR B 315 -8.07 20.77 9.88
N LEU B 316 -8.51 21.24 8.72
CA LEU B 316 -8.43 22.65 8.41
C LEU B 316 -9.54 23.42 9.12
N PRO B 317 -9.31 24.68 9.49
CA PRO B 317 -10.41 25.47 10.07
C PRO B 317 -11.55 25.66 9.08
N ALA B 318 -12.76 25.72 9.61
CA ALA B 318 -13.96 25.91 8.80
C ALA B 318 -15.05 26.51 9.67
N GLY B 319 -16.06 27.06 9.01
CA GLY B 319 -17.21 27.66 9.67
C GLY B 319 -18.50 27.07 9.10
N ARG B 320 -19.50 27.95 8.93
CA ARG B 320 -20.71 27.57 8.23
C ARG B 320 -21.25 28.68 7.34
N ARG B 321 -20.45 29.70 7.05
CA ARG B 321 -20.94 30.80 6.22
C ARG B 321 -21.11 30.35 4.77
N ARG B 322 -21.76 31.20 3.98
CA ARG B 322 -21.95 30.97 2.57
C ARG B 322 -21.90 32.31 1.83
N LEU B 323 -21.55 32.26 0.55
CA LEU B 323 -21.55 33.46 -0.25
C LEU B 323 -22.97 33.96 -0.47
N ASP B 324 -23.08 35.25 -0.77
CA ASP B 324 -24.39 35.85 -1.00
C ASP B 324 -25.08 35.23 -2.21
N ARG B 325 -24.33 35.03 -3.30
CA ARG B 325 -24.86 34.45 -4.53
C ARG B 325 -23.96 33.32 -4.98
N THR B 326 -24.57 32.23 -5.45
CA THR B 326 -23.80 31.07 -5.85
C THR B 326 -23.00 31.33 -7.12
N GLY B 327 -23.65 31.90 -8.14
CA GLY B 327 -23.09 31.98 -9.47
C GLY B 327 -22.51 33.34 -9.85
N ALA B 328 -22.74 34.37 -9.05
CA ALA B 328 -22.17 35.69 -9.35
C ALA B 328 -20.67 35.68 -9.11
N ALA B 329 -19.97 36.54 -9.84
CA ALA B 329 -18.53 36.63 -9.71
C ALA B 329 -18.17 37.21 -8.34
N PRO B 330 -17.43 36.52 -7.48
CA PRO B 330 -17.00 37.14 -6.23
C PRO B 330 -15.79 38.05 -6.45
N SER B 331 -15.51 38.85 -5.43
CA SER B 331 -14.32 39.67 -5.36
C SER B 331 -13.32 38.99 -4.43
N ILE B 332 -12.13 38.72 -4.94
CA ILE B 332 -11.05 38.11 -4.17
C ILE B 332 -10.15 39.21 -3.65
N GLU B 333 -9.76 39.13 -2.38
CA GLU B 333 -8.79 40.07 -1.84
C GLU B 333 -7.99 39.41 -0.74
N PHE B 334 -6.71 39.78 -0.67
CA PHE B 334 -5.79 39.37 0.37
C PHE B 334 -5.55 40.54 1.30
N ASP B 335 -5.52 40.29 2.61
CA ASP B 335 -5.32 41.32 3.63
C ASP B 335 -4.21 40.84 4.56
N ASP B 336 -3.00 41.38 4.36
CA ASP B 336 -1.78 41.01 5.10
C ASP B 336 -1.66 39.51 5.28
N VAL B 337 -1.96 38.76 4.22
CA VAL B 337 -1.84 37.30 4.26
C VAL B 337 -0.37 36.92 4.37
N ARG B 338 -0.06 36.08 5.35
CA ARG B 338 1.28 35.53 5.55
C ARG B 338 1.18 34.02 5.57
N PHE B 339 2.24 33.36 5.11
CA PHE B 339 2.23 31.92 4.95
C PHE B 339 3.67 31.42 5.00
N SER B 340 3.84 30.16 5.40
CA SER B 340 5.18 29.61 5.54
C SER B 340 5.11 28.09 5.52
N TYR B 341 5.97 27.47 4.71
CA TYR B 341 6.17 26.03 4.74
C TYR B 341 7.25 25.75 5.76
N GLY B 342 6.85 25.29 6.95
CA GLY B 342 7.82 25.10 8.02
C GLY B 342 8.47 26.42 8.39
N ASP B 343 9.80 26.43 8.37
CA ASP B 343 10.55 27.64 8.70
C ASP B 343 10.63 28.60 7.52
N GLU B 344 10.62 28.08 6.29
CA GLU B 344 10.72 28.94 5.12
C GLU B 344 9.45 29.76 4.95
N VAL B 345 9.63 31.06 4.69
CA VAL B 345 8.51 32.00 4.55
C VAL B 345 8.31 32.28 3.07
N VAL B 346 7.07 32.07 2.60
CA VAL B 346 6.73 32.26 1.19
C VAL B 346 6.12 33.64 0.94
N LEU B 347 5.26 34.09 1.87
CA LEU B 347 4.55 35.35 1.73
C LEU B 347 4.75 36.17 2.98
N ASP B 348 4.98 37.47 2.80
CA ASP B 348 5.28 38.40 3.88
C ASP B 348 4.27 39.54 3.88
N GLY B 349 2.99 39.20 3.81
CA GLY B 349 1.95 40.20 3.89
C GLY B 349 1.55 40.73 2.54
N VAL B 350 1.29 39.84 1.58
CA VAL B 350 0.78 40.26 0.28
C VAL B 350 -0.64 40.78 0.47
N SER B 351 -0.95 41.90 -0.19
CA SER B 351 -2.26 42.54 -0.08
C SER B 351 -2.68 43.01 -1.46
N PHE B 352 -3.82 42.51 -1.93
CA PHE B 352 -4.35 42.93 -3.22
C PHE B 352 -5.85 42.71 -3.23
N THR B 353 -6.50 43.26 -4.25
CA THR B 353 -7.95 43.18 -4.41
C THR B 353 -8.27 42.89 -5.86
N LEU B 354 -9.19 41.96 -6.11
CA LEU B 354 -9.62 41.58 -7.44
C LEU B 354 -11.07 41.99 -7.62
N ARG B 355 -11.35 42.81 -8.62
CA ARG B 355 -12.71 43.18 -8.91
C ARG B 355 -13.47 41.97 -9.47
N PRO B 356 -14.77 41.85 -9.20
CA PRO B 356 -15.49 40.64 -9.61
C PRO B 356 -15.75 40.63 -11.11
N GLY B 357 -15.48 39.49 -11.74
CA GLY B 357 -15.74 39.29 -13.14
C GLY B 357 -14.59 39.61 -14.08
N ASN B 358 -13.61 40.38 -13.63
CA ASN B 358 -12.47 40.74 -14.46
C ASN B 358 -11.42 39.64 -14.43
N THR B 359 -10.45 39.76 -15.34
CA THR B 359 -9.35 38.82 -15.47
C THR B 359 -8.05 39.51 -15.07
N THR B 360 -7.31 38.90 -14.14
CA THR B 360 -6.04 39.41 -13.69
C THR B 360 -4.96 38.35 -13.85
N ALA B 361 -3.72 38.80 -14.04
CA ALA B 361 -2.58 37.94 -14.29
C ALA B 361 -1.56 38.11 -13.17
N ILE B 362 -0.82 37.04 -12.90
CA ILE B 362 0.25 37.03 -11.91
C ILE B 362 1.50 36.46 -12.56
N VAL B 363 2.61 37.19 -12.48
CA VAL B 363 3.87 36.78 -13.08
C VAL B 363 5.00 37.09 -12.12
N GLY B 364 6.06 36.30 -12.21
CA GLY B 364 7.24 36.50 -11.40
C GLY B 364 8.20 35.34 -11.53
N PRO B 365 9.40 35.48 -10.94
CA PRO B 365 10.41 34.42 -11.10
C PRO B 365 9.95 33.10 -10.49
N SER B 366 10.66 32.05 -10.85
CA SER B 366 10.34 30.72 -10.35
C SER B 366 10.59 30.65 -8.84
N GLY B 367 9.67 30.02 -8.12
CA GLY B 367 9.78 29.95 -6.69
C GLY B 367 9.45 31.24 -5.97
N SER B 368 8.74 32.16 -6.64
CA SER B 368 8.40 33.43 -6.01
C SER B 368 7.22 33.29 -5.05
N GLY B 369 6.28 32.39 -5.37
CA GLY B 369 5.10 32.18 -4.55
C GLY B 369 3.81 32.23 -5.34
N LYS B 370 3.85 32.05 -6.66
CA LYS B 370 2.66 32.21 -7.48
C LYS B 370 1.64 31.11 -7.21
N THR B 371 2.08 29.85 -7.21
CA THR B 371 1.17 28.75 -6.90
C THR B 371 0.75 28.78 -5.45
N THR B 372 1.55 29.39 -4.57
CA THR B 372 1.10 29.57 -3.20
C THR B 372 -0.08 30.52 -3.13
N ILE B 373 -0.04 31.61 -3.90
CA ILE B 373 -1.14 32.57 -3.89
C ILE B 373 -2.43 31.92 -4.38
N LEU B 374 -2.33 31.12 -5.45
CA LEU B 374 -3.51 30.44 -5.96
C LEU B 374 -4.05 29.44 -4.96
N SER B 375 -3.16 28.73 -4.26
CA SER B 375 -3.61 27.73 -3.29
C SER B 375 -4.33 28.39 -2.12
N LEU B 376 -3.89 29.58 -1.71
CA LEU B 376 -4.61 30.31 -0.67
C LEU B 376 -5.97 30.77 -1.17
N ILE B 377 -6.06 31.19 -2.42
CA ILE B 377 -7.35 31.59 -2.98
C ILE B 377 -8.30 30.40 -3.03
N ALA B 378 -7.80 29.24 -3.45
CA ALA B 378 -8.62 28.06 -3.61
C ALA B 378 -8.87 27.32 -2.30
N GLY B 379 -8.25 27.74 -1.21
CA GLY B 379 -8.49 27.13 0.08
C GLY B 379 -7.71 25.87 0.36
N LEU B 380 -6.77 25.48 -0.51
CA LEU B 380 -5.93 24.32 -0.23
C LEU B 380 -5.06 24.58 0.99
N GLN B 381 -4.50 25.77 1.09
CA GLN B 381 -3.72 26.23 2.23
C GLN B 381 -4.58 27.22 3.01
N GLN B 382 -4.08 27.63 4.17
CA GLN B 382 -4.65 28.75 4.91
C GLN B 382 -3.53 29.57 5.52
N PRO B 383 -3.72 30.89 5.66
CA PRO B 383 -2.63 31.71 6.19
C PRO B 383 -2.24 31.36 7.61
N ALA B 384 -0.96 31.54 7.92
CA ALA B 384 -0.55 31.61 9.31
C ALA B 384 -1.20 32.81 10.00
N SER B 385 -1.28 33.93 9.29
CA SER B 385 -2.03 35.09 9.75
C SER B 385 -2.58 35.80 8.53
N GLY B 386 -3.68 36.53 8.74
CA GLY B 386 -4.31 37.27 7.67
C GLY B 386 -5.48 36.52 7.07
N ARG B 387 -6.16 37.20 6.15
CA ARG B 387 -7.46 36.79 5.66
C ARG B 387 -7.49 36.81 4.14
N VAL B 388 -8.23 35.85 3.57
CA VAL B 388 -8.54 35.81 2.15
C VAL B 388 -10.05 35.79 2.03
N LEU B 389 -10.62 36.83 1.43
CA LEU B 389 -12.06 37.06 1.42
C LEU B 389 -12.63 36.78 0.02
N LEU B 390 -13.66 35.94 -0.04
CA LEU B 390 -14.48 35.77 -1.24
C LEU B 390 -15.71 36.64 -1.08
N ASP B 391 -15.77 37.74 -1.83
CA ASP B 391 -16.91 38.65 -1.79
C ASP B 391 -17.09 39.27 -0.40
N GLY B 392 -15.98 39.51 0.30
CA GLY B 392 -16.02 40.04 1.64
C GLY B 392 -16.21 39.00 2.73
N VAL B 393 -16.17 37.71 2.40
CA VAL B 393 -16.42 36.63 3.35
C VAL B 393 -15.12 35.86 3.53
N ASP B 394 -14.64 35.79 4.77
CA ASP B 394 -13.38 35.12 5.05
C ASP B 394 -13.46 33.64 4.69
N VAL B 395 -12.42 33.15 4.02
CA VAL B 395 -12.37 31.74 3.65
C VAL B 395 -12.38 30.85 4.88
N THR B 396 -11.73 31.30 5.96
CA THR B 396 -11.63 30.49 7.15
C THR B 396 -12.99 30.23 7.77
N THR B 397 -13.87 31.24 7.75
CA THR B 397 -15.21 31.11 8.32
C THR B 397 -16.21 30.52 7.33
N LEU B 398 -15.79 30.20 6.12
CA LEU B 398 -16.71 29.72 5.10
C LEU B 398 -16.97 28.23 5.24
N ASP B 399 -18.15 27.81 4.83
CA ASP B 399 -18.49 26.40 4.86
C ASP B 399 -17.57 25.65 3.91
N PRO B 400 -17.17 24.41 4.22
CA PRO B 400 -16.34 23.67 3.25
C PRO B 400 -17.01 23.47 1.90
N GLU B 401 -18.32 23.16 1.89
CA GLU B 401 -18.99 22.92 0.61
C GLU B 401 -19.03 24.18 -0.23
N ALA B 402 -19.30 25.33 0.38
CA ALA B 402 -19.32 26.57 -0.37
C ALA B 402 -17.92 26.97 -0.81
N ARG B 403 -16.92 26.76 0.05
CA ARG B 403 -15.55 27.08 -0.33
C ARG B 403 -15.08 26.20 -1.49
N ARG B 404 -15.41 24.92 -1.45
CA ARG B 404 -15.01 24.02 -2.52
C ARG B 404 -15.70 24.36 -3.83
N ALA B 405 -16.98 24.75 -3.76
CA ALA B 405 -17.76 25.02 -4.96
C ALA B 405 -17.49 26.38 -5.56
N ALA B 406 -16.77 27.25 -4.88
CA ALA B 406 -16.54 28.62 -5.34
C ALA B 406 -15.25 28.79 -6.12
N VAL B 407 -14.52 27.72 -6.42
CA VAL B 407 -13.25 27.82 -7.13
C VAL B 407 -13.05 26.60 -8.00
N SER B 408 -12.48 26.82 -9.19
CA SER B 408 -11.92 25.78 -10.03
C SER B 408 -10.55 26.27 -10.48
N VAL B 409 -9.55 25.39 -10.43
CA VAL B 409 -8.16 25.77 -10.69
C VAL B 409 -7.57 24.87 -11.75
N VAL B 410 -6.58 25.41 -12.46
CA VAL B 410 -5.72 24.65 -13.37
C VAL B 410 -4.36 24.55 -12.69
N PHE B 411 -3.95 23.33 -12.35
CA PHE B 411 -2.76 23.13 -11.55
C PHE B 411 -1.50 23.18 -12.42
N GLN B 412 -0.38 23.50 -11.77
CA GLN B 412 0.88 23.60 -12.50
C GLN B 412 1.30 22.25 -13.06
N HIS B 413 1.19 21.19 -12.27
CA HIS B 413 1.56 19.84 -12.67
C HIS B 413 0.29 19.04 -12.83
N PRO B 414 -0.30 18.99 -14.04
CA PRO B 414 -1.67 18.48 -14.16
C PRO B 414 -1.75 17.00 -13.81
N TYR B 415 -2.42 16.70 -12.71
CA TYR B 415 -2.63 15.34 -12.27
C TYR B 415 -4.00 14.87 -12.73
N LEU B 416 -4.03 13.77 -13.47
CA LEU B 416 -5.26 13.11 -13.87
C LEU B 416 -5.34 11.77 -13.17
N PHE B 417 -6.54 11.41 -12.70
CA PHE B 417 -6.71 10.13 -12.06
C PHE B 417 -6.77 9.03 -13.11
N ASP B 418 -6.29 7.84 -12.73
CA ASP B 418 -6.32 6.70 -13.64
C ASP B 418 -7.76 6.40 -14.03
N GLY B 419 -7.98 6.23 -15.32
CA GLY B 419 -9.30 6.07 -15.87
C GLY B 419 -9.36 6.74 -17.22
N THR B 420 -10.56 6.77 -17.80
CA THR B 420 -10.70 7.28 -19.15
C THR B 420 -10.45 8.79 -19.18
N LEU B 421 -10.38 9.33 -20.39
CA LEU B 421 -10.17 10.77 -20.55
C LEU B 421 -11.41 11.56 -20.16
N ARG B 422 -12.60 11.06 -20.52
CA ARG B 422 -13.83 11.78 -20.21
C ARG B 422 -14.06 11.86 -18.71
N ASP B 423 -13.76 10.79 -17.97
CA ASP B 423 -13.95 10.78 -16.53
C ASP B 423 -13.20 11.92 -15.87
N ASN B 424 -11.98 12.19 -16.33
CA ASN B 424 -11.21 13.28 -15.78
C ASN B 424 -11.80 14.63 -16.15
N VAL B 425 -12.45 14.74 -17.31
CA VAL B 425 -13.13 15.98 -17.66
C VAL B 425 -14.39 16.16 -16.83
N LEU B 426 -15.17 15.08 -16.66
CA LEU B 426 -16.43 15.17 -15.92
C LEU B 426 -16.23 15.44 -14.44
N VAL B 427 -15.02 15.25 -13.90
CA VAL B 427 -14.77 15.52 -12.48
C VAL B 427 -15.05 16.98 -12.15
N GLY B 428 -14.92 17.87 -13.14
CA GLY B 428 -15.21 19.28 -12.89
C GLY B 428 -16.64 19.53 -12.46
N ASP B 429 -17.57 18.76 -13.02
CA ASP B 429 -18.99 18.92 -12.72
C ASP B 429 -19.74 17.69 -13.22
N PRO B 430 -19.82 16.61 -12.44
CA PRO B 430 -20.39 15.36 -12.98
C PRO B 430 -21.83 15.47 -13.46
N GLU B 431 -22.64 16.34 -12.85
CA GLU B 431 -24.04 16.44 -13.24
C GLU B 431 -24.24 17.12 -14.59
N ALA B 432 -23.20 17.72 -15.16
CA ALA B 432 -23.38 18.51 -16.38
C ALA B 432 -23.83 17.66 -17.54
N ASP B 433 -24.70 18.22 -18.38
CA ASP B 433 -25.18 17.53 -19.57
C ASP B 433 -24.08 17.49 -20.63
N PRO B 434 -24.21 16.60 -21.63
CA PRO B 434 -23.12 16.49 -22.64
C PRO B 434 -22.83 17.77 -23.39
N ASP B 435 -23.82 18.65 -23.55
CA ASP B 435 -23.57 19.91 -24.26
C ASP B 435 -22.55 20.76 -23.53
N ASP B 436 -22.62 20.80 -22.20
CA ASP B 436 -21.61 21.51 -21.43
C ASP B 436 -20.26 20.79 -21.47
N VAL B 437 -20.27 19.46 -21.50
CA VAL B 437 -19.01 18.72 -21.56
C VAL B 437 -18.32 18.96 -22.90
N THR B 438 -19.09 18.91 -24.00
CA THR B 438 -18.51 19.14 -25.32
C THR B 438 -17.98 20.57 -25.45
N ALA B 439 -18.69 21.54 -24.87
CA ALA B 439 -18.21 22.91 -24.90
C ALA B 439 -16.92 23.06 -24.09
N ALA B 440 -16.84 22.37 -22.95
CA ALA B 440 -15.62 22.42 -22.14
C ALA B 440 -14.44 21.84 -22.91
N MET B 441 -14.63 20.70 -23.59
CA MET B 441 -13.55 20.09 -24.35
C MET B 441 -13.15 20.97 -25.53
N ARG B 442 -14.13 21.56 -26.23
CA ARG B 442 -13.82 22.40 -27.38
C ARG B 442 -12.97 23.59 -26.97
N LEU B 443 -13.29 24.21 -25.83
CA LEU B 443 -12.54 25.38 -25.39
C LEU B 443 -11.10 25.03 -25.07
N ALA B 444 -10.87 23.82 -24.56
CA ALA B 444 -9.53 23.39 -24.15
C ALA B 444 -8.74 22.71 -25.27
N ARG B 445 -9.28 22.66 -26.49
CA ARG B 445 -8.67 21.95 -27.62
C ARG B 445 -8.49 20.46 -27.30
N VAL B 446 -9.29 19.93 -26.38
CA VAL B 446 -9.29 18.48 -26.16
C VAL B 446 -10.02 17.76 -27.28
N ASP B 447 -10.78 18.49 -28.10
CA ASP B 447 -11.41 17.85 -29.26
C ASP B 447 -10.37 17.34 -30.25
N GLU B 448 -9.22 18.01 -30.34
CA GLU B 448 -8.16 17.52 -31.22
C GLU B 448 -7.63 16.17 -30.74
N LEU B 449 -7.53 15.97 -29.43
CA LEU B 449 -7.17 14.66 -28.90
C LEU B 449 -8.19 13.62 -29.33
N LEU B 450 -9.47 13.97 -29.30
CA LEU B 450 -10.52 13.02 -29.66
C LEU B 450 -10.37 12.58 -31.11
N ASP B 451 -10.01 13.51 -32.00
CA ASP B 451 -9.79 13.13 -33.40
C ASP B 451 -8.54 12.29 -33.54
N ARG B 452 -7.43 12.73 -32.95
CA ARG B 452 -6.14 12.06 -33.19
C ARG B 452 -6.08 10.73 -32.45
N LEU B 453 -6.50 10.68 -31.19
CA LEU B 453 -6.37 9.47 -30.41
C LEU B 453 -7.34 8.40 -30.92
N PRO B 454 -6.99 7.11 -30.78
CA PRO B 454 -7.85 6.07 -31.38
C PRO B 454 -9.15 5.86 -30.63
N ASP B 455 -9.11 5.84 -29.30
CA ASP B 455 -10.31 5.64 -28.49
C ASP B 455 -11.07 6.92 -28.20
N GLY B 456 -10.62 8.06 -28.73
CA GLY B 456 -11.36 9.29 -28.55
C GLY B 456 -11.36 9.73 -27.09
N ASP B 457 -12.56 9.94 -26.55
CA ASP B 457 -12.71 10.34 -25.15
C ASP B 457 -12.64 9.16 -24.19
N ALA B 458 -12.59 7.93 -24.69
CA ALA B 458 -12.45 6.74 -23.85
C ALA B 458 -10.99 6.34 -23.64
N THR B 459 -10.04 7.20 -24.00
CA THR B 459 -8.63 6.88 -23.90
C THR B 459 -8.25 6.64 -22.43
N VAL B 460 -7.76 5.45 -22.14
CA VAL B 460 -7.41 5.08 -20.76
C VAL B 460 -6.10 5.77 -20.41
N VAL B 461 -6.18 6.89 -19.71
CA VAL B 461 -5.02 7.50 -19.09
C VAL B 461 -4.44 6.52 -18.07
N GLY B 462 -3.15 6.63 -17.81
CA GLY B 462 -2.46 5.82 -16.83
C GLY B 462 -2.44 6.47 -15.46
N GLU B 463 -1.52 6.00 -14.62
CA GLU B 463 -1.33 6.58 -13.31
C GLU B 463 -0.90 8.04 -13.47
N GLY B 464 -1.60 8.95 -12.80
CA GLY B 464 -1.40 10.34 -13.13
C GLY B 464 -1.86 10.57 -14.56
N GLY B 465 -1.15 11.43 -15.28
CA GLY B 465 -1.32 11.55 -16.72
C GLY B 465 -0.17 10.90 -17.45
N THR B 466 0.22 9.70 -17.02
CA THR B 466 1.42 9.07 -17.54
C THR B 466 1.20 8.52 -18.95
N ALA B 467 0.01 8.01 -19.24
CA ALA B 467 -0.31 7.47 -20.55
C ALA B 467 -0.81 8.52 -21.53
N LEU B 468 -0.50 9.79 -21.28
CA LEU B 468 -0.81 10.88 -22.19
C LEU B 468 0.42 11.77 -22.31
N SER B 469 0.46 12.56 -23.37
CA SER B 469 1.55 13.51 -23.54
C SER B 469 1.52 14.54 -22.42
N GLY B 470 2.60 15.31 -22.33
CA GLY B 470 2.61 16.41 -21.38
C GLY B 470 1.56 17.45 -21.70
N GLY B 471 1.41 17.79 -22.99
CA GLY B 471 0.40 18.73 -23.40
C GLY B 471 -0.99 18.15 -23.44
N GLU B 472 -1.10 16.85 -23.74
CA GLU B 472 -2.41 16.21 -23.79
C GLU B 472 -3.04 16.17 -22.41
N ARG B 473 -2.27 15.82 -21.39
CA ARG B 473 -2.82 15.83 -20.04
C ARG B 473 -3.10 17.24 -19.57
N GLN B 474 -2.31 18.23 -20.01
CA GLN B 474 -2.59 19.61 -19.67
C GLN B 474 -3.93 20.06 -20.24
N ARG B 475 -4.25 19.63 -21.47
CA ARG B 475 -5.52 20.01 -22.07
C ARG B 475 -6.69 19.33 -21.38
N VAL B 476 -6.52 18.07 -20.98
CA VAL B 476 -7.57 17.38 -20.24
C VAL B 476 -7.82 18.08 -18.91
N SER B 477 -6.75 18.55 -18.27
CA SER B 477 -6.89 19.28 -17.01
C SER B 477 -7.64 20.59 -17.20
N ILE B 478 -7.37 21.30 -18.29
CA ILE B 478 -8.03 22.58 -18.54
C ILE B 478 -9.51 22.36 -18.78
N ALA B 479 -9.86 21.30 -19.52
CA ALA B 479 -11.26 20.98 -19.74
C ALA B 479 -11.97 20.64 -18.44
N ARG B 480 -11.29 19.91 -17.55
CA ARG B 480 -11.84 19.61 -16.24
C ARG B 480 -12.11 20.90 -15.47
N ALA B 481 -11.18 21.84 -15.50
CA ALA B 481 -11.33 23.08 -14.76
C ALA B 481 -12.46 23.93 -15.33
N LEU B 482 -12.53 24.05 -16.66
CA LEU B 482 -13.54 24.90 -17.27
C LEU B 482 -14.94 24.31 -17.12
N LEU B 483 -15.04 22.98 -17.03
CA LEU B 483 -16.36 22.37 -16.91
C LEU B 483 -17.04 22.76 -15.60
N LYS B 484 -16.28 22.94 -14.54
CA LYS B 484 -16.88 23.32 -13.27
C LYS B 484 -17.48 24.71 -13.39
N PRO B 485 -18.73 24.93 -12.95
CA PRO B 485 -19.36 26.24 -13.19
C PRO B 485 -19.04 27.26 -12.13
N ALA B 486 -18.03 27.01 -11.30
CA ALA B 486 -17.75 27.88 -10.17
C ALA B 486 -17.35 29.26 -10.67
N PRO B 487 -17.66 30.33 -9.92
CA PRO B 487 -17.46 31.68 -10.43
C PRO B 487 -16.05 32.22 -10.32
N VAL B 488 -15.06 31.40 -9.98
CA VAL B 488 -13.65 31.80 -9.92
C VAL B 488 -12.83 30.77 -10.64
N LEU B 489 -11.90 31.22 -11.49
CA LEU B 489 -11.03 30.37 -12.28
C LEU B 489 -9.59 30.76 -12.03
N LEU B 490 -8.75 29.77 -11.69
CA LEU B 490 -7.34 29.97 -11.39
C LEU B 490 -6.51 29.17 -12.37
N VAL B 491 -5.56 29.82 -13.04
CA VAL B 491 -4.76 29.20 -14.09
C VAL B 491 -3.30 29.23 -13.65
N ASP B 492 -2.68 28.05 -13.57
CA ASP B 492 -1.31 27.88 -13.10
C ASP B 492 -0.52 27.16 -14.19
N GLU B 493 0.19 27.93 -15.01
CA GLU B 493 1.04 27.41 -16.08
C GLU B 493 0.27 26.47 -16.99
N ALA B 494 -0.76 27.01 -17.63
CA ALA B 494 -1.45 26.27 -18.69
C ALA B 494 -0.68 26.26 -20.00
N THR B 495 0.33 27.11 -20.15
CA THR B 495 1.11 27.22 -21.39
C THR B 495 2.39 26.39 -21.36
N SER B 496 2.66 25.67 -20.28
CA SER B 496 3.98 25.05 -20.11
C SER B 496 4.21 23.95 -21.14
N ALA B 497 3.21 23.10 -21.37
CA ALA B 497 3.40 21.85 -22.10
C ALA B 497 2.66 21.82 -23.44
N LEU B 498 2.25 22.97 -23.97
CA LEU B 498 1.46 23.05 -25.20
C LEU B 498 2.24 23.77 -26.29
N ASP B 499 2.14 23.27 -27.52
CA ASP B 499 2.81 23.93 -28.62
C ASP B 499 2.21 25.31 -28.87
N ASN B 500 2.83 26.05 -29.79
CA ASN B 500 2.44 27.43 -30.03
C ASN B 500 1.02 27.53 -30.55
N ALA B 501 0.59 26.55 -31.35
CA ALA B 501 -0.76 26.57 -31.90
C ALA B 501 -1.80 26.28 -30.82
N ASN B 502 -1.57 25.24 -30.02
CA ASN B 502 -2.52 24.90 -28.96
C ASN B 502 -2.50 25.93 -27.84
N GLU B 503 -1.33 26.52 -27.56
CA GLU B 503 -1.23 27.53 -26.52
C GLU B 503 -2.12 28.73 -26.86
N ALA B 504 -2.09 29.18 -28.11
CA ALA B 504 -2.89 30.32 -28.50
C ALA B 504 -4.38 30.03 -28.38
N ALA B 505 -4.80 28.82 -28.76
CA ALA B 505 -6.21 28.47 -28.67
C ALA B 505 -6.68 28.38 -27.23
N VAL B 506 -5.86 27.83 -26.34
CA VAL B 506 -6.24 27.73 -24.93
C VAL B 506 -6.27 29.11 -24.30
N VAL B 507 -5.29 29.96 -24.61
CA VAL B 507 -5.25 31.29 -24.01
C VAL B 507 -6.47 32.10 -24.45
N ASP B 508 -6.83 32.01 -25.73
CA ASP B 508 -8.03 32.68 -26.21
C ASP B 508 -9.27 32.16 -25.51
N ALA B 509 -9.35 30.84 -25.32
CA ALA B 509 -10.55 30.24 -24.75
C ALA B 509 -10.68 30.46 -23.25
N LEU B 510 -9.58 30.71 -22.54
CA LEU B 510 -9.69 30.99 -21.11
C LEU B 510 -10.45 32.29 -20.85
N THR B 511 -10.36 33.25 -21.77
CA THR B 511 -11.10 34.50 -21.66
C THR B 511 -12.40 34.49 -22.44
N ALA B 512 -12.51 33.66 -23.47
CA ALA B 512 -13.72 33.59 -24.28
C ALA B 512 -14.80 32.72 -23.66
N ASP B 513 -14.59 32.18 -22.48
CA ASP B 513 -15.62 31.36 -21.85
C ASP B 513 -16.83 32.22 -21.54
N PRO B 514 -18.06 31.75 -21.84
CA PRO B 514 -19.21 32.67 -21.76
C PRO B 514 -19.69 32.96 -20.34
N ARG B 515 -19.36 32.11 -19.37
CA ARG B 515 -19.81 32.36 -18.01
C ARG B 515 -19.05 33.54 -17.41
N PRO B 516 -19.67 34.29 -16.46
CA PRO B 516 -18.93 35.37 -15.79
C PRO B 516 -18.14 34.86 -14.60
N ARG B 517 -16.82 35.06 -14.61
CA ARG B 517 -15.95 34.59 -13.54
C ARG B 517 -14.88 35.62 -13.27
N THR B 518 -14.32 35.56 -12.05
CA THR B 518 -13.12 36.31 -11.69
C THR B 518 -11.92 35.42 -11.92
N ARG B 519 -11.07 35.80 -12.88
CA ARG B 519 -10.00 34.95 -13.37
C ARG B 519 -8.66 35.44 -12.84
N VAL B 520 -7.88 34.51 -12.29
CA VAL B 520 -6.49 34.74 -11.91
C VAL B 520 -5.61 33.85 -12.77
N ILE B 521 -4.69 34.45 -13.50
CA ILE B 521 -3.82 33.76 -14.44
C ILE B 521 -2.40 33.82 -13.92
N VAL B 522 -1.77 32.66 -13.77
CA VAL B 522 -0.35 32.54 -13.51
C VAL B 522 0.28 32.00 -14.78
N ALA B 523 0.80 32.91 -15.60
CA ALA B 523 1.29 32.61 -16.94
C ALA B 523 2.82 32.62 -16.95
N HIS B 524 3.37 32.42 -18.14
CA HIS B 524 4.81 32.39 -18.36
C HIS B 524 5.29 33.41 -19.37
N ARG B 525 4.59 33.56 -20.49
CA ARG B 525 5.00 34.42 -21.58
C ARG B 525 4.22 35.73 -21.57
N LEU B 526 4.77 36.71 -22.27
CA LEU B 526 4.04 37.96 -22.46
C LEU B 526 2.79 37.74 -23.28
N ALA B 527 2.84 36.84 -24.26
CA ALA B 527 1.67 36.53 -25.06
C ALA B 527 0.67 35.65 -24.31
N SER B 528 1.10 34.96 -23.26
CA SER B 528 0.19 34.14 -22.47
C SER B 528 -0.72 34.94 -21.56
N ILE B 529 -0.40 36.22 -21.32
CA ILE B 529 -1.21 37.09 -20.47
C ILE B 529 -2.07 38.00 -21.35
N ARG B 530 -2.37 37.55 -22.57
CA ARG B 530 -3.23 38.31 -23.45
C ARG B 530 -4.63 38.42 -22.87
N HIS B 531 -5.28 39.56 -23.11
CA HIS B 531 -6.61 39.83 -22.60
C HIS B 531 -6.63 39.84 -21.07
N ALA B 532 -5.62 40.49 -20.47
CA ALA B 532 -5.48 40.60 -19.03
C ALA B 532 -5.78 42.03 -18.61
N ASP B 533 -6.83 42.20 -17.80
CA ASP B 533 -7.19 43.53 -17.33
C ASP B 533 -6.13 44.11 -16.40
N ARG B 534 -5.56 43.27 -15.53
CA ARG B 534 -4.60 43.70 -14.53
C ARG B 534 -3.51 42.65 -14.42
N VAL B 535 -2.31 43.08 -14.06
CA VAL B 535 -1.16 42.20 -13.89
C VAL B 535 -0.48 42.53 -12.57
N LEU B 536 -0.16 41.49 -11.80
CA LEU B 536 0.53 41.61 -10.52
C LEU B 536 1.90 40.95 -10.65
N PHE B 537 2.95 41.75 -10.50
CA PHE B 537 4.31 41.21 -10.47
C PHE B 537 4.64 40.84 -9.03
N VAL B 538 4.93 39.56 -8.80
CA VAL B 538 5.22 39.04 -7.47
C VAL B 538 6.66 38.55 -7.46
N GLU B 539 7.44 39.00 -6.48
CA GLU B 539 8.85 38.66 -6.40
C GLU B 539 9.28 38.68 -4.94
N ALA B 540 9.96 37.63 -4.50
CA ALA B 540 10.42 37.50 -3.13
C ALA B 540 9.26 37.51 -2.14
N GLY B 541 8.10 36.98 -2.54
CA GLY B 541 6.98 36.80 -1.65
C GLY B 541 6.07 37.99 -1.49
N ARG B 542 6.28 39.08 -2.22
CA ARG B 542 5.43 40.25 -2.15
C ARG B 542 5.20 40.79 -3.55
N VAL B 543 4.07 41.47 -3.74
CA VAL B 543 3.72 42.07 -5.02
C VAL B 543 4.53 43.35 -5.15
N VAL B 544 5.71 43.25 -5.76
CA VAL B 544 6.60 44.40 -5.87
C VAL B 544 6.02 45.44 -6.81
N GLU B 545 5.40 45.00 -7.90
CA GLU B 545 4.90 45.89 -8.94
C GLU B 545 3.61 45.32 -9.51
N ASP B 546 2.74 46.21 -9.99
CA ASP B 546 1.48 45.78 -10.56
C ASP B 546 0.92 46.89 -11.45
N GLY B 547 0.09 46.50 -12.39
CA GLY B 547 -0.51 47.43 -13.32
C GLY B 547 -0.88 46.72 -14.62
N ALA B 548 -1.26 47.52 -15.61
CA ALA B 548 -1.59 46.99 -16.92
C ALA B 548 -0.33 46.64 -17.71
N ILE B 549 -0.52 45.85 -18.77
CA ILE B 549 0.62 45.40 -19.57
C ILE B 549 1.30 46.59 -20.24
N ASP B 550 0.51 47.44 -20.90
CA ASP B 550 1.09 48.60 -21.58
C ASP B 550 1.70 49.57 -20.58
N GLU B 551 1.03 49.80 -19.46
CA GLU B 551 1.53 50.75 -18.46
C GLU B 551 2.86 50.27 -17.89
N LEU B 552 2.94 48.99 -17.52
CA LEU B 552 4.18 48.47 -16.94
C LEU B 552 5.29 48.42 -17.97
N LEU B 553 4.96 48.10 -19.23
CA LEU B 553 5.97 48.11 -20.28
C LEU B 553 6.50 49.52 -20.52
N ALA B 554 5.61 50.52 -20.52
CA ALA B 554 6.05 51.90 -20.67
C ALA B 554 6.91 52.34 -19.50
N ALA B 555 6.54 51.92 -18.28
CA ALA B 555 7.30 52.32 -17.10
C ALA B 555 8.72 51.78 -17.12
N GLY B 556 8.95 50.64 -17.78
CA GLY B 556 10.28 50.07 -17.84
C GLY B 556 10.83 49.66 -16.48
N GLY B 557 10.00 49.04 -15.66
CA GLY B 557 10.40 48.60 -14.34
C GLY B 557 10.88 47.16 -14.33
N ARG B 558 10.62 46.47 -13.22
CA ARG B 558 10.98 45.06 -13.13
C ARG B 558 10.20 44.22 -14.13
N PHE B 559 9.00 44.66 -14.50
CA PHE B 559 8.21 43.92 -15.48
C PHE B 559 8.90 43.88 -16.83
N ALA B 560 9.43 45.02 -17.29
CA ALA B 560 10.15 45.04 -18.55
C ALA B 560 11.45 44.26 -18.46
N GLN B 561 12.15 44.36 -17.32
CA GLN B 561 13.39 43.61 -17.14
C GLN B 561 13.14 42.11 -17.10
N PHE B 562 11.92 41.69 -16.74
CA PHE B 562 11.61 40.27 -16.69
C PHE B 562 11.72 39.62 -18.06
N TRP B 563 11.21 40.29 -19.09
CA TRP B 563 11.25 39.74 -20.44
C TRP B 563 12.58 39.97 -21.15
N ALA B 564 13.44 40.84 -20.63
CA ALA B 564 14.72 41.13 -21.27
C ALA B 564 15.76 40.03 -21.05
N GLN B 565 15.50 39.09 -20.15
CA GLN B 565 16.46 38.03 -19.81
C GLN B 565 17.78 38.64 -19.30
PG ATP C . 4.46 16.96 -25.95
O1G ATP C . 5.07 17.88 -26.96
O2G ATP C . 5.35 16.73 -24.74
O3G ATP C . 3.08 17.42 -25.51
PB ATP C . 4.99 14.47 -27.43
O1B ATP C . 4.99 14.85 -28.85
O2B ATP C . 6.35 14.27 -26.78
O3B ATP C . 4.24 15.53 -26.56
PA ATP C . 4.48 11.67 -26.74
O1A ATP C . 4.71 11.58 -25.29
O2A ATP C . 5.65 11.23 -27.60
O3A ATP C . 4.16 13.15 -27.16
O5' ATP C . 3.20 10.87 -27.20
C5' ATP C . 2.74 10.92 -28.56
C4' ATP C . 1.53 10.03 -28.71
O4' ATP C . 1.77 8.88 -27.88
C3' ATP C . 0.28 10.67 -28.12
O3' ATP C . -0.81 9.95 -28.67
C2' ATP C . 0.35 10.24 -26.66
O2' ATP C . -0.99 10.10 -26.23
C1' ATP C . 0.82 8.80 -26.85
N9 ATP C . 1.51 8.28 -25.68
C8 ATP C . 2.59 8.83 -25.03
N7 ATP C . 3.01 8.14 -24.01
C5 ATP C . 2.18 7.04 -23.99
C6 ATP C . 2.11 5.92 -23.14
N6 ATP C . 2.93 5.72 -22.12
N1 ATP C . 1.15 5.01 -23.39
C2 ATP C . 0.31 5.21 -24.41
N3 ATP C . 0.29 6.23 -25.27
C4 ATP C . 1.24 7.11 -25.01
H5'1 ATP C . 3.44 10.62 -29.16
H5'2 ATP C . 2.50 11.83 -28.80
H4' ATP C . 1.40 9.78 -29.64
H3' ATP C . 0.22 11.63 -28.25
HO3' ATP C . -1.47 10.06 -28.15
H2' ATP C . 0.90 10.80 -26.10
HO2' ATP C . -1.14 10.75 -25.69
H1' ATP C . 0.07 8.22 -27.09
H8 ATP C . 2.98 9.64 -25.29
HN61 ATP C . 3.17 4.91 -21.91
HN62 ATP C . 3.24 6.38 -21.66
H2 ATP C . -0.33 4.55 -24.55
MG MG D . 6.31 14.89 -24.56
MG MG E . 4.29 26.60 -9.20
PG ATP F . 7.49 28.12 -10.16
O1G ATP F . 7.51 29.09 -11.30
O2G ATP F . 6.40 27.08 -10.30
O3G ATP F . 8.83 27.43 -9.92
PB ATP F . 5.93 29.12 -7.83
O1B ATP F . 5.72 30.57 -7.64
O2B ATP F . 4.77 28.33 -8.40
O3B ATP F . 7.15 28.86 -8.79
PA ATP F . 5.70 27.89 -5.16
O1A ATP F . 5.12 26.54 -5.30
O2A ATP F . 4.72 28.97 -4.73
O3A ATP F . 6.39 28.40 -6.49
O5' ATP F . 6.88 27.89 -4.11
C5' ATP F . 7.44 29.12 -3.61
C4' ATP F . 8.37 28.84 -2.47
O4' ATP F . 7.79 27.75 -1.72
C3' ATP F . 9.71 28.28 -2.97
O3' ATP F . 10.63 28.50 -1.91
C2' ATP F . 9.45 26.78 -3.00
O2' ATP F . 10.69 26.16 -2.69
C1' ATP F . 8.65 26.64 -1.71
N9 ATP F . 7.81 25.46 -1.71
C8 ATP F . 6.88 25.09 -2.65
N7 ATP F . 6.26 23.98 -2.39
C5 ATP F . 6.79 23.58 -1.18
C6 ATP F . 6.53 22.47 -0.34
N6 ATP F . 5.64 21.52 -0.63
N1 ATP F . 7.24 22.37 0.81
C2 ATP F . 8.13 23.32 1.10
N3 ATP F . 8.45 24.41 0.40
C4 ATP F . 7.74 24.48 -0.74
H5'1 ATP F . 6.73 29.70 -3.31
H5'2 ATP F . 7.93 29.56 -4.34
H4' ATP F . 8.50 29.62 -1.93
H3' ATP F . 10.00 28.65 -3.83
HO3' ATP F . 11.40 28.55 -2.27
H2' ATP F . 9.03 26.46 -3.81
HO2' ATP F . 11.06 25.99 -3.43
H1' ATP F . 9.24 26.64 -0.93
H8 ATP F . 6.73 25.59 -3.43
HN61 ATP F . 5.58 20.82 -0.13
HN62 ATP F . 5.13 21.60 -1.33
H2 ATP F . 8.59 23.21 1.90
#